data_4WHN
#
_entry.id   4WHN
#
_cell.length_a   82.450
_cell.length_b   86.370
_cell.length_c   131.160
_cell.angle_alpha   90.00
_cell.angle_beta   90.00
_cell.angle_gamma   90.00
#
_symmetry.space_group_name_H-M   'P 21 21 21'
#
loop_
_entity.id
_entity.type
_entity.pdbx_description
1 polymer ApxC
2 non-polymer 'CITRIC ACID'
3 water water
#
_entity_poly.entity_id   1
_entity_poly.type   'polypeptide(L)'
_entity_poly.pdbx_seq_one_letter_code
;MRGSHHHHHHGSSKKINGFEVLGEVAWLWASSPLHRKWPLSLLAINVLPAIESNQYVLLKRDGFPIAFCSWANLNLENEI
KYLDDVASLVADDWTSGDRRWFIDWIAPFGDSAALYKHMRDNFPNELFRAIRVDPDSRVGKISEFHGGKIDKKLASKIFQ
QYHFELMSELKNKQNFKFSLVNS
;
_entity_poly.pdbx_strand_id   A,B,C,D
#
# COMPACT_ATOMS: atom_id res chain seq x y z
N SER A 13 30.75 15.14 0.08
CA SER A 13 30.99 15.21 1.57
C SER A 13 29.95 16.10 2.31
N LYS A 14 29.40 17.10 1.63
CA LYS A 14 28.22 17.83 2.14
C LYS A 14 27.04 16.87 2.29
N LYS A 15 26.88 15.97 1.31
CA LYS A 15 25.80 14.98 1.32
C LYS A 15 26.21 13.65 2.00
N ILE A 16 27.49 13.38 2.24
CA ILE A 16 27.91 12.21 3.07
C ILE A 16 27.66 12.53 4.55
N ASN A 17 27.99 13.76 4.92
CA ASN A 17 27.46 14.38 6.13
C ASN A 17 25.93 14.22 6.19
N GLY A 18 25.21 14.58 5.13
CA GLY A 18 23.75 14.39 5.03
C GLY A 18 23.24 12.97 5.33
N PHE A 19 23.84 11.98 4.67
CA PHE A 19 23.50 10.57 4.87
C PHE A 19 23.86 10.14 6.26
N GLU A 20 24.95 10.68 6.78
CA GLU A 20 25.34 10.33 8.11
C GLU A 20 24.28 10.78 9.07
N VAL A 21 23.83 12.01 8.90
CA VAL A 21 22.86 12.53 9.81
C VAL A 21 21.56 11.73 9.67
N LEU A 22 21.18 11.44 8.42
CA LEU A 22 19.97 10.69 8.19
C LEU A 22 20.03 9.29 8.86
N GLY A 23 21.22 8.67 8.86
CA GLY A 23 21.40 7.37 9.52
C GLY A 23 21.28 7.48 11.04
N GLU A 24 21.84 8.54 11.58
CA GLU A 24 21.75 8.76 13.01
C GLU A 24 20.32 8.92 13.41
N VAL A 25 19.58 9.73 12.64
CA VAL A 25 18.15 9.92 12.98
C VAL A 25 17.37 8.63 12.83
N ALA A 26 17.63 7.89 11.77
CA ALA A 26 16.92 6.64 11.57
C ALA A 26 17.16 5.70 12.73
N TRP A 27 18.40 5.66 13.21
CA TRP A 27 18.76 4.81 14.37
C TRP A 27 17.99 5.23 15.57
N LEU A 28 17.92 6.55 15.75
CA LEU A 28 17.11 7.06 16.85
C LEU A 28 15.66 6.73 16.75
N TRP A 29 15.07 6.83 15.55
CA TRP A 29 13.67 6.40 15.42
C TRP A 29 13.49 4.94 15.78
N ALA A 30 14.42 4.12 15.29
CA ALA A 30 14.35 2.69 15.50
C ALA A 30 14.48 2.33 16.98
N SER A 31 15.10 3.22 17.77
CA SER A 31 15.19 2.98 19.19
C SER A 31 13.98 3.47 19.96
N SER A 32 12.97 4.04 19.29
CA SER A 32 11.87 4.69 19.96
C SER A 32 10.61 3.88 19.79
N PRO A 33 9.85 3.73 20.86
CA PRO A 33 8.71 2.82 20.82
C PRO A 33 7.67 3.18 19.81
N LEU A 34 7.39 4.46 19.61
CA LEU A 34 6.43 4.85 18.59
C LEU A 34 7.07 5.04 17.23
N HIS A 35 8.19 5.74 17.18
CA HIS A 35 8.75 6.08 15.87
C HIS A 35 9.18 4.83 15.10
N ARG A 36 9.48 3.74 15.81
CA ARG A 36 10.06 2.59 15.14
C ARG A 36 9.02 1.95 14.29
N LYS A 37 7.75 2.25 14.54
CA LYS A 37 6.69 1.72 13.75
C LYS A 37 6.36 2.58 12.52
N TRP A 38 6.92 3.76 12.43
CA TRP A 38 6.60 4.62 11.33
C TRP A 38 7.38 4.16 10.08
N PRO A 39 6.88 4.49 8.90
CA PRO A 39 7.51 4.02 7.69
C PRO A 39 8.70 4.84 7.26
N LEU A 40 9.55 4.20 6.47
CA LEU A 40 10.65 4.89 5.85
C LEU A 40 10.24 6.12 5.02
N SER A 41 9.11 6.05 4.34
CA SER A 41 8.60 7.23 3.61
C SER A 41 8.48 8.46 4.53
N LEU A 42 8.01 8.26 5.76
CA LEU A 42 7.86 9.38 6.71
C LEU A 42 9.18 9.89 7.22
N LEU A 43 10.12 9.00 7.39
CA LEU A 43 11.46 9.42 7.69
C LEU A 43 11.98 10.37 6.59
N ALA A 44 11.90 9.97 5.34
CA ALA A 44 12.35 10.87 4.23
C ALA A 44 11.61 12.21 4.22
N ILE A 45 10.30 12.15 4.35
CA ILE A 45 9.48 13.38 4.40
C ILE A 45 9.85 14.33 5.54
N ASN A 46 10.02 13.79 6.73
CA ASN A 46 10.26 14.61 7.92
C ASN A 46 11.71 15.03 8.03
N VAL A 47 12.62 14.20 7.58
CA VAL A 47 14.02 14.43 7.93
C VAL A 47 14.83 15.04 6.82
N LEU A 48 14.57 14.69 5.56
CA LEU A 48 15.41 15.27 4.49
C LEU A 48 15.33 16.81 4.44
N PRO A 49 14.14 17.39 4.56
CA PRO A 49 14.13 18.88 4.52
C PRO A 49 14.71 19.55 5.77
N ALA A 50 14.64 18.85 6.90
CA ALA A 50 15.28 19.36 8.12
C ALA A 50 16.78 19.48 7.89
N ILE A 51 17.35 18.44 7.32
CA ILE A 51 18.79 18.40 7.10
C ILE A 51 19.18 19.43 6.08
N GLU A 52 18.43 19.52 5.01
CA GLU A 52 18.70 20.47 3.93
C GLU A 52 18.67 21.94 4.40
N SER A 53 17.70 22.27 5.23
CA SER A 53 17.48 23.63 5.71
C SER A 53 18.25 23.91 6.97
N ASN A 54 18.91 22.87 7.50
N ASN A 54 18.89 22.87 7.50
CA ASN A 54 19.60 22.95 8.75
CA ASN A 54 19.58 22.96 8.76
C ASN A 54 18.73 23.39 9.94
C ASN A 54 18.72 23.38 9.95
N GLN A 55 17.44 23.11 9.86
CA GLN A 55 16.54 23.44 10.94
C GLN A 55 16.32 22.24 11.83
N TYR A 56 17.41 21.83 12.48
CA TYR A 56 17.35 20.72 13.43
C TYR A 56 18.43 20.87 14.49
N VAL A 57 18.28 20.14 15.59
CA VAL A 57 19.32 19.94 16.54
C VAL A 57 19.51 18.43 16.71
N LEU A 58 20.75 17.99 16.65
CA LEU A 58 21.06 16.60 16.94
C LEU A 58 21.98 16.59 18.13
N LEU A 59 21.55 16.08 19.28
CA LEU A 59 22.43 15.98 20.44
C LEU A 59 23.07 14.62 20.45
N LYS A 60 24.32 14.61 20.86
CA LYS A 60 25.13 13.42 20.88
C LYS A 60 25.74 13.26 22.25
N ARG A 61 26.13 12.07 22.61
CA ARG A 61 26.90 12.00 23.84
C ARG A 61 28.37 11.62 23.65
N ASP A 62 28.63 10.33 23.72
CA ASP A 62 29.95 9.77 23.46
C ASP A 62 30.02 9.41 21.97
N GLY A 63 29.90 10.41 21.07
CA GLY A 63 29.86 10.18 19.60
C GLY A 63 28.63 9.42 19.09
N PHE A 64 27.67 9.12 19.97
CA PHE A 64 26.41 8.51 19.54
C PHE A 64 25.32 9.57 19.64
N PRO A 65 24.41 9.59 18.67
CA PRO A 65 23.25 10.43 18.86
C PRO A 65 22.42 9.99 20.05
N ILE A 66 21.82 10.96 20.73
CA ILE A 66 20.82 10.62 21.77
C ILE A 66 19.47 11.30 21.59
N ALA A 67 19.42 12.41 20.85
CA ALA A 67 18.17 13.14 20.73
C ALA A 67 18.16 13.97 19.48
N PHE A 68 16.94 14.26 18.99
CA PHE A 68 16.83 15.06 17.74
C PHE A 68 15.49 15.78 17.74
N CYS A 69 15.53 17.03 17.31
CA CYS A 69 14.30 17.75 17.01
C CYS A 69 14.54 18.55 15.76
N SER A 70 13.43 18.83 15.08
CA SER A 70 13.45 19.59 13.86
C SER A 70 12.28 20.53 13.86
N TRP A 71 12.38 21.59 13.06
CA TRP A 71 11.31 22.54 12.93
C TRP A 71 11.16 23.11 11.54
N ALA A 72 9.88 23.35 11.19
CA ALA A 72 9.51 23.98 9.95
C ALA A 72 8.97 25.36 10.26
N ASN A 73 9.36 26.32 9.43
CA ASN A 73 8.99 27.73 9.58
C ASN A 73 7.91 27.95 8.51
N LEU A 74 6.65 27.88 8.93
CA LEU A 74 5.54 27.86 8.01
C LEU A 74 4.80 29.21 7.88
N ASN A 75 4.13 29.40 6.74
CA ASN A 75 3.10 30.39 6.68
C ASN A 75 1.77 29.75 7.13
N LEU A 76 0.73 30.57 7.21
CA LEU A 76 -0.55 30.07 7.70
C LEU A 76 -1.18 29.00 6.79
N GLU A 77 -1.04 29.16 5.50
CA GLU A 77 -1.48 28.17 4.53
C GLU A 77 -0.84 26.76 4.76
N ASN A 78 0.47 26.73 4.95
CA ASN A 78 1.16 25.47 5.16
C ASN A 78 0.94 24.90 6.55
N GLU A 79 0.74 25.75 7.54
CA GLU A 79 0.34 25.30 8.86
C GLU A 79 -0.94 24.52 8.80
N ILE A 80 -1.91 25.07 8.08
CA ILE A 80 -3.18 24.39 7.93
C ILE A 80 -3.06 23.08 7.13
N LYS A 81 -2.26 23.10 6.09
CA LYS A 81 -2.02 21.93 5.29
C LYS A 81 -1.36 20.82 6.15
N TYR A 82 -0.38 21.22 6.95
CA TYR A 82 0.30 20.32 7.90
C TYR A 82 -0.64 19.74 8.94
N LEU A 83 -1.45 20.57 9.57
CA LEU A 83 -2.38 20.08 10.59
C LEU A 83 -3.47 19.19 10.02
N ASP A 84 -3.84 19.38 8.78
CA ASP A 84 -4.81 18.49 8.14
C ASP A 84 -4.12 17.17 7.75
N ASP A 85 -2.81 17.18 7.51
CA ASP A 85 -2.10 15.98 7.12
C ASP A 85 -0.61 16.16 7.44
N VAL A 86 -0.17 15.51 8.52
CA VAL A 86 1.16 15.75 9.09
C VAL A 86 2.24 15.29 8.16
N ALA A 87 1.92 14.50 7.17
CA ALA A 87 2.91 14.07 6.16
C ALA A 87 2.91 14.87 4.87
N SER A 88 2.18 16.00 4.82
CA SER A 88 1.99 16.74 3.55
C SER A 88 3.00 17.83 3.23
N LEU A 89 3.94 18.20 4.13
CA LEU A 89 4.88 19.26 3.80
C LEU A 89 5.95 18.80 2.83
N VAL A 90 6.36 19.70 1.94
CA VAL A 90 7.47 19.50 1.00
C VAL A 90 8.52 20.50 1.38
N ALA A 91 9.71 20.28 0.89
CA ALA A 91 10.89 20.97 1.38
C ALA A 91 10.74 22.50 1.37
N ASP A 92 10.18 23.03 0.30
CA ASP A 92 10.01 24.48 0.22
C ASP A 92 9.12 25.03 1.32
N ASP A 93 8.16 24.25 1.81
CA ASP A 93 7.28 24.71 2.88
C ASP A 93 8.02 25.01 4.17
N TRP A 94 9.20 24.43 4.31
CA TRP A 94 9.90 24.51 5.56
C TRP A 94 10.47 25.89 5.87
N THR A 95 10.59 26.71 4.81
CA THR A 95 11.03 28.09 4.98
C THR A 95 9.94 29.05 4.47
N SER A 96 8.67 28.72 4.64
CA SER A 96 7.65 29.45 3.93
C SER A 96 7.06 30.55 4.78
N GLY A 97 7.38 30.63 6.05
CA GLY A 97 6.84 31.69 6.89
C GLY A 97 7.49 31.73 8.26
N ASP A 98 6.81 32.34 9.21
CA ASP A 98 7.38 32.56 10.54
C ASP A 98 6.61 31.81 11.66
N ARG A 99 5.75 30.87 11.32
CA ARG A 99 5.03 30.10 12.34
C ARG A 99 5.76 28.78 12.52
N ARG A 100 6.49 28.65 13.59
CA ARG A 100 7.41 27.53 13.76
C ARG A 100 6.76 26.31 14.36
N TRP A 101 7.01 25.15 13.75
CA TRP A 101 6.45 23.90 14.23
C TRP A 101 7.57 22.87 14.40
N PHE A 102 7.59 22.21 15.56
CA PHE A 102 8.46 21.02 15.73
C PHE A 102 7.89 19.85 14.94
N ILE A 103 8.60 19.43 13.92
CA ILE A 103 8.18 18.34 13.08
C ILE A 103 8.54 16.99 13.71
N ASP A 104 9.74 16.83 14.23
CA ASP A 104 10.11 15.66 15.05
C ASP A 104 10.72 16.10 16.39
N TRP A 105 10.51 15.27 17.39
CA TRP A 105 11.12 15.46 18.66
C TRP A 105 11.30 14.07 19.18
N ILE A 106 12.54 13.61 19.20
N ILE A 106 12.54 13.58 19.17
CA ILE A 106 12.77 12.26 19.66
CA ILE A 106 12.75 12.22 19.67
C ILE A 106 13.97 12.13 20.59
C ILE A 106 13.96 12.11 20.59
N ALA A 107 13.79 11.36 21.65
CA ALA A 107 14.83 11.23 22.67
C ALA A 107 14.51 9.94 23.36
N PRO A 108 14.84 8.85 22.69
CA PRO A 108 14.38 7.57 23.18
C PRO A 108 15.13 7.02 24.41
N PHE A 109 16.26 7.60 24.76
CA PHE A 109 17.01 7.16 25.93
C PHE A 109 16.80 8.07 27.14
N GLY A 110 15.73 8.87 27.12
CA GLY A 110 15.39 9.69 28.29
C GLY A 110 15.96 11.11 28.31
N ASP A 111 16.47 11.61 27.19
CA ASP A 111 17.12 12.90 27.12
C ASP A 111 16.24 14.07 26.61
N SER A 112 14.93 13.91 26.72
CA SER A 112 14.01 14.95 26.30
C SER A 112 14.22 16.29 27.03
N ALA A 113 14.41 16.24 28.33
CA ALA A 113 14.70 17.48 29.12
C ALA A 113 15.89 18.11 28.56
N ALA A 114 16.88 17.31 28.16
CA ALA A 114 18.10 17.94 27.64
C ALA A 114 17.78 18.70 26.33
N LEU A 115 16.93 18.12 25.50
CA LEU A 115 16.57 18.81 24.23
C LEU A 115 15.85 20.10 24.56
N TYR A 116 14.87 20.01 25.44
CA TYR A 116 14.13 21.11 25.90
C TYR A 116 15.05 22.24 26.36
N LYS A 117 15.97 21.91 27.25
CA LYS A 117 16.89 22.94 27.78
C LYS A 117 17.72 23.53 26.67
N HIS A 118 18.22 22.67 25.79
CA HIS A 118 19.06 23.16 24.70
C HIS A 118 18.27 24.16 23.85
N MET A 119 16.99 23.85 23.59
CA MET A 119 16.21 24.73 22.73
C MET A 119 15.92 26.02 23.48
N ARG A 120 15.52 25.90 24.74
CA ARG A 120 15.21 27.06 25.59
C ARG A 120 16.37 28.04 25.64
N ASP A 121 17.58 27.54 25.76
CA ASP A 121 18.75 28.41 25.91
C ASP A 121 19.36 28.81 24.61
N ASN A 122 19.30 27.97 23.60
CA ASN A 122 19.89 28.37 22.33
C ASN A 122 18.93 29.10 21.37
N PHE A 123 17.61 29.07 21.62
CA PHE A 123 16.61 29.79 20.79
C PHE A 123 15.80 30.61 21.78
N PRO A 124 16.50 31.48 22.55
CA PRO A 124 15.89 32.14 23.71
C PRO A 124 14.75 33.06 23.39
N ASN A 125 14.75 33.60 22.21
CA ASN A 125 13.67 34.47 21.77
C ASN A 125 12.72 33.87 20.73
N GLU A 126 12.69 32.53 20.59
CA GLU A 126 11.80 31.89 19.60
C GLU A 126 10.58 31.20 20.20
N LEU A 127 9.53 31.07 19.40
CA LEU A 127 8.30 30.40 19.80
C LEU A 127 8.08 29.26 18.84
N PHE A 128 7.57 28.14 19.34
CA PHE A 128 7.36 26.96 18.51
C PHE A 128 6.07 26.33 18.99
N ARG A 129 5.37 25.65 18.09
CA ARG A 129 4.24 24.83 18.52
C ARG A 129 4.56 23.40 18.11
N ALA A 130 3.81 22.44 18.66
CA ALA A 130 3.87 21.04 18.26
C ALA A 130 2.52 20.39 18.42
N ILE A 131 2.20 19.45 17.54
CA ILE A 131 0.90 18.85 17.60
C ILE A 131 1.03 17.40 17.99
N ARG A 132 0.27 16.96 19.00
CA ARG A 132 0.24 15.51 19.35
C ARG A 132 -1.16 14.99 19.28
N VAL A 133 -1.38 13.92 18.52
CA VAL A 133 -2.77 13.47 18.21
C VAL A 133 -3.13 12.30 19.14
N ASP A 134 -4.14 12.55 19.99
CA ASP A 134 -4.13 12.11 21.42
C ASP A 134 -3.55 10.74 21.87
N PRO A 135 -3.87 9.53 21.35
CA PRO A 135 -4.87 9.17 20.30
C PRO A 135 -6.23 8.64 20.81
N ASP A 136 -6.35 8.35 22.11
CA ASP A 136 -7.61 7.85 22.66
C ASP A 136 -8.65 8.96 22.61
N SER A 137 -8.17 10.19 22.67
CA SER A 137 -8.93 11.31 22.13
C SER A 137 -8.66 11.44 20.59
N ARG A 138 -9.68 11.86 19.84
CA ARG A 138 -9.57 12.18 18.41
C ARG A 138 -9.20 13.69 18.25
N VAL A 139 -8.58 14.23 19.29
CA VAL A 139 -8.14 15.62 19.35
C VAL A 139 -6.62 15.69 19.28
N GLY A 140 -6.14 16.66 18.52
CA GLY A 140 -4.73 16.99 18.55
C GLY A 140 -4.59 17.97 19.68
N LYS A 141 -3.55 17.78 20.47
CA LYS A 141 -3.22 18.69 21.54
C LYS A 141 -2.10 19.48 20.89
N ILE A 142 -2.27 20.78 20.87
CA ILE A 142 -1.22 21.67 20.42
C ILE A 142 -0.50 22.13 21.65
N SER A 143 0.81 21.94 21.68
N SER A 143 0.80 21.94 21.69
CA SER A 143 1.62 22.52 22.74
CA SER A 143 1.58 22.49 22.77
C SER A 143 2.36 23.72 22.26
C SER A 143 2.39 23.70 22.28
N GLU A 144 2.74 24.56 23.23
CA GLU A 144 3.36 25.85 22.96
C GLU A 144 4.67 25.93 23.66
N PHE A 145 5.73 26.22 22.96
CA PHE A 145 7.01 26.28 23.59
C PHE A 145 7.65 27.64 23.28
N HIS A 146 8.37 28.20 24.26
CA HIS A 146 9.12 29.44 24.00
C HIS A 146 10.45 29.49 24.68
N GLY A 147 11.38 30.16 24.01
CA GLY A 147 12.70 30.30 24.50
C GLY A 147 12.77 31.01 25.87
N GLY A 148 13.92 30.86 26.53
CA GLY A 148 14.10 31.29 27.90
C GLY A 148 14.02 32.81 28.12
N LYS A 149 14.21 33.62 27.08
CA LYS A 149 14.08 35.09 27.23
C LYS A 149 12.76 35.68 26.81
N ILE A 150 11.79 34.85 26.45
CA ILE A 150 10.45 35.31 26.27
C ILE A 150 9.68 35.10 27.53
N ASP A 151 9.12 36.16 28.10
CA ASP A 151 8.36 36.03 29.30
C ASP A 151 7.01 35.51 28.95
N LYS A 152 6.37 35.09 30.00
CA LYS A 152 5.16 34.41 29.94
C LYS A 152 4.09 35.23 29.29
N LYS A 153 3.93 36.48 29.73
CA LYS A 153 2.86 37.37 29.26
C LYS A 153 3.01 37.59 27.77
N LEU A 154 4.23 37.79 27.31
CA LEU A 154 4.44 38.03 25.94
C LEU A 154 4.13 36.78 25.11
N ALA A 155 4.56 35.63 25.62
CA ALA A 155 4.41 34.36 24.89
C ALA A 155 2.94 34.08 24.72
N SER A 156 2.23 34.21 25.80
CA SER A 156 0.82 34.00 25.77
C SER A 156 0.06 34.96 24.79
N LYS A 157 0.45 36.24 24.68
CA LYS A 157 -0.15 37.14 23.65
C LYS A 157 0.12 36.69 22.23
N ILE A 158 1.34 36.32 21.94
CA ILE A 158 1.65 35.93 20.58
C ILE A 158 0.94 34.60 20.23
N PHE A 159 0.92 33.69 21.18
CA PHE A 159 0.24 32.39 20.97
C PHE A 159 -1.24 32.55 20.78
N GLN A 160 -1.86 33.43 21.56
CA GLN A 160 -3.29 33.64 21.42
C GLN A 160 -3.61 34.20 20.03
N GLN A 161 -2.75 35.09 19.53
CA GLN A 161 -2.97 35.61 18.19
C GLN A 161 -2.79 34.50 17.13
N TYR A 162 -1.74 33.67 17.27
CA TYR A 162 -1.52 32.56 16.33
C TYR A 162 -2.72 31.68 16.26
N HIS A 163 -3.24 31.37 17.42
CA HIS A 163 -4.39 30.50 17.53
C HIS A 163 -5.65 31.09 16.96
N PHE A 164 -5.87 32.37 17.25
CA PHE A 164 -7.08 32.98 16.71
C PHE A 164 -6.96 33.04 15.17
N GLU A 165 -5.77 33.28 14.65
CA GLU A 165 -5.59 33.37 13.21
C GLU A 165 -5.81 32.01 12.55
N LEU A 166 -5.32 30.97 13.20
CA LEU A 166 -5.54 29.58 12.74
C LEU A 166 -7.06 29.25 12.75
N MET A 167 -7.73 29.49 13.88
CA MET A 167 -9.13 29.12 14.00
C MET A 167 -9.95 29.85 12.95
N SER A 168 -9.65 31.14 12.74
CA SER A 168 -10.46 31.93 11.79
C SER A 168 -10.31 31.44 10.40
N GLU A 169 -9.10 31.12 10.02
CA GLU A 169 -8.90 30.70 8.68
C GLU A 169 -9.45 29.25 8.46
N LEU A 170 -9.35 28.38 9.47
CA LEU A 170 -9.95 27.06 9.37
C LEU A 170 -11.44 27.17 9.08
N LYS A 171 -12.12 28.03 9.82
CA LYS A 171 -13.53 28.32 9.55
C LYS A 171 -13.79 28.88 8.16
N ASN A 172 -13.03 29.89 7.78
CA ASN A 172 -13.21 30.48 6.45
C ASN A 172 -12.95 29.48 5.31
N LYS A 173 -12.05 28.50 5.50
CA LYS A 173 -11.83 27.52 4.49
C LYS A 173 -13.07 26.67 4.16
N GLN A 174 -13.98 26.56 5.10
CA GLN A 174 -15.16 25.73 4.89
C GLN A 174 -16.00 26.29 3.73
N ASN A 175 -15.98 27.60 3.57
CA ASN A 175 -16.75 28.28 2.51
C ASN A 175 -16.30 27.96 1.12
N PHE A 176 -15.08 27.46 0.94
CA PHE A 176 -14.57 27.17 -0.40
C PHE A 176 -14.60 25.67 -0.75
N LYS A 177 -15.10 24.84 0.14
CA LYS A 177 -15.10 23.40 -0.10
C LYS A 177 -16.13 22.91 -1.18
N PHE A 178 -17.30 23.53 -1.22
CA PHE A 178 -18.45 23.04 -1.96
C PHE A 178 -19.12 24.12 -2.77
N SER A 179 -19.71 23.79 -3.93
CA SER A 179 -20.81 24.59 -4.48
C SER A 179 -22.08 23.77 -4.71
N LEU A 180 -23.22 24.46 -4.67
CA LEU A 180 -24.51 23.83 -4.89
C LEU A 180 -24.89 23.99 -6.35
N VAL A 181 -25.32 22.91 -6.98
CA VAL A 181 -25.80 22.99 -8.35
C VAL A 181 -27.32 22.96 -8.48
N ASN A 182 -28.01 22.55 -7.41
CA ASN A 182 -29.47 22.34 -7.44
C ASN A 182 -29.85 21.06 -8.22
N LYS B 15 -27.45 -14.57 0.03
CA LYS B 15 -25.94 -14.34 -0.01
C LYS B 15 -25.26 -14.79 -1.32
N ILE B 16 -25.78 -15.85 -1.96
CA ILE B 16 -25.44 -16.16 -3.37
C ILE B 16 -26.10 -15.09 -4.25
N ASN B 17 -27.34 -14.75 -3.87
CA ASN B 17 -27.97 -13.52 -4.31
C ASN B 17 -27.02 -12.34 -4.08
N GLY B 18 -26.42 -12.22 -2.91
CA GLY B 18 -25.44 -11.16 -2.59
C GLY B 18 -24.22 -11.09 -3.53
N PHE B 19 -23.60 -12.22 -3.75
CA PHE B 19 -22.43 -12.35 -4.66
C PHE B 19 -22.83 -12.08 -6.07
N GLU B 20 -24.03 -12.50 -6.42
CA GLU B 20 -24.51 -12.25 -7.75
C GLU B 20 -24.66 -10.80 -7.99
N VAL B 21 -25.25 -10.08 -7.04
CA VAL B 21 -25.47 -8.68 -7.20
C VAL B 21 -24.12 -7.98 -7.24
N LEU B 22 -23.21 -8.39 -6.37
CA LEU B 22 -21.91 -7.79 -6.35
C LEU B 22 -21.14 -7.95 -7.69
N GLY B 23 -21.29 -9.12 -8.31
CA GLY B 23 -20.68 -9.37 -9.57
C GLY B 23 -21.28 -8.49 -10.67
N GLU B 24 -22.59 -8.34 -10.64
CA GLU B 24 -23.24 -7.49 -11.59
C GLU B 24 -22.76 -6.08 -11.49
N VAL B 25 -22.66 -5.57 -10.26
CA VAL B 25 -22.23 -4.21 -10.12
C VAL B 25 -20.79 -4.06 -10.57
N ALA B 26 -19.95 -5.04 -10.23
CA ALA B 26 -18.57 -4.98 -10.71
C ALA B 26 -18.47 -4.90 -12.26
N TRP B 27 -19.28 -5.70 -12.91
CA TRP B 27 -19.30 -5.74 -14.38
C TRP B 27 -19.72 -4.38 -14.91
N LEU B 28 -20.73 -3.77 -14.28
CA LEU B 28 -21.12 -2.40 -14.66
C LEU B 28 -20.02 -1.40 -14.49
N TRP B 29 -19.30 -1.48 -13.36
CA TRP B 29 -18.23 -0.51 -13.15
C TRP B 29 -17.17 -0.64 -14.24
N ALA B 30 -16.88 -1.89 -14.58
CA ALA B 30 -15.85 -2.18 -15.56
C ALA B 30 -16.22 -1.65 -16.94
N SER B 31 -17.51 -1.44 -17.16
CA SER B 31 -17.98 -0.92 -18.42
C SER B 31 -18.02 0.60 -18.47
N SER B 32 -17.56 1.28 -17.42
N SER B 32 -17.57 1.29 -17.43
CA SER B 32 -17.72 2.73 -17.30
CA SER B 32 -17.71 2.75 -17.36
C SER B 32 -16.35 3.42 -17.26
C SER B 32 -16.34 3.41 -17.28
N PRO B 33 -16.19 4.55 -17.96
CA PRO B 33 -14.90 5.21 -18.04
C PRO B 33 -14.26 5.60 -16.72
N LEU B 34 -15.02 6.11 -15.76
CA LEU B 34 -14.42 6.50 -14.48
C LEU B 34 -14.43 5.37 -13.48
N HIS B 35 -15.54 4.66 -13.39
CA HIS B 35 -15.61 3.60 -12.38
C HIS B 35 -14.61 2.46 -12.66
N ARG B 36 -14.25 2.26 -13.92
CA ARG B 36 -13.38 1.11 -14.22
C ARG B 36 -12.00 1.33 -13.65
N LYS B 37 -11.68 2.56 -13.29
CA LYS B 37 -10.40 2.81 -12.68
C LYS B 37 -10.42 2.69 -11.17
N TRP B 38 -11.57 2.51 -10.56
CA TRP B 38 -11.64 2.52 -9.10
C TRP B 38 -11.23 1.13 -8.60
N PRO B 39 -10.72 1.04 -7.38
CA PRO B 39 -10.21 -0.20 -6.87
C PRO B 39 -11.29 -1.16 -6.32
N LEU B 40 -10.96 -2.44 -6.28
CA LEU B 40 -11.84 -3.38 -5.68
C LEU B 40 -12.24 -3.06 -4.24
N SER B 41 -11.29 -2.48 -3.49
CA SER B 41 -11.57 -2.07 -2.12
C SER B 41 -12.77 -1.17 -2.07
N LEU B 42 -12.90 -0.26 -3.04
CA LEU B 42 -14.01 0.68 -3.07
C LEU B 42 -15.31 0.02 -3.49
N LEU B 43 -15.24 -0.95 -4.39
CA LEU B 43 -16.43 -1.74 -4.72
C LEU B 43 -16.95 -2.41 -3.47
N ALA B 44 -16.11 -3.08 -2.69
CA ALA B 44 -16.59 -3.72 -1.43
C ALA B 44 -17.18 -2.70 -0.48
N ILE B 45 -16.49 -1.61 -0.28
CA ILE B 45 -16.99 -0.58 0.65
C ILE B 45 -18.33 0.02 0.20
N ASN B 46 -18.47 0.35 -1.08
CA ASN B 46 -19.66 1.02 -1.57
C ASN B 46 -20.81 0.05 -1.77
N VAL B 47 -20.52 -1.18 -2.12
CA VAL B 47 -21.58 -2.07 -2.58
C VAL B 47 -22.03 -3.06 -1.54
N LEU B 48 -21.14 -3.61 -0.73
CA LEU B 48 -21.63 -4.57 0.24
C LEU B 48 -22.71 -4.01 1.21
N PRO B 49 -22.49 -2.81 1.77
CA PRO B 49 -23.57 -2.29 2.63
C PRO B 49 -24.86 -1.88 1.93
N ALA B 50 -24.73 -1.52 0.66
CA ALA B 50 -25.93 -1.24 -0.12
C ALA B 50 -26.78 -2.50 -0.21
N ILE B 51 -26.10 -3.60 -0.48
CA ILE B 51 -26.76 -4.89 -0.59
C ILE B 51 -27.35 -5.32 0.77
N GLU B 52 -26.59 -5.17 1.85
CA GLU B 52 -27.01 -5.59 3.19
C GLU B 52 -28.21 -4.81 3.71
N SER B 53 -28.28 -3.52 3.40
CA SER B 53 -29.35 -2.66 3.80
C SER B 53 -30.49 -2.61 2.81
N ASN B 54 -30.28 -3.19 1.65
CA ASN B 54 -31.22 -3.12 0.57
C ASN B 54 -31.51 -1.74 0.07
N GLN B 55 -30.61 -0.81 0.26
CA GLN B 55 -30.78 0.55 -0.24
C GLN B 55 -30.10 0.73 -1.57
N TYR B 56 -30.62 0.01 -2.56
CA TYR B 56 -30.10 0.12 -3.90
C TYR B 56 -31.19 -0.23 -4.89
N VAL B 57 -31.01 0.17 -6.13
CA VAL B 57 -31.83 -0.29 -7.23
C VAL B 57 -30.88 -0.84 -8.31
N LEU B 58 -31.16 -2.03 -8.81
CA LEU B 58 -30.39 -2.62 -9.90
C LEU B 58 -31.38 -2.89 -11.00
N LEU B 59 -31.21 -2.21 -12.13
CA LEU B 59 -32.05 -2.48 -13.29
C LEU B 59 -31.31 -3.41 -14.24
N LYS B 60 -32.07 -4.29 -14.86
CA LYS B 60 -31.56 -5.28 -15.80
C LYS B 60 -32.30 -5.24 -17.16
N ARG B 61 -31.67 -5.74 -18.22
CA ARG B 61 -32.32 -6.01 -19.48
C ARG B 61 -31.75 -7.32 -20.06
N ASP B 62 -32.61 -8.26 -20.44
CA ASP B 62 -32.18 -9.56 -20.97
C ASP B 62 -31.28 -10.30 -19.92
N GLY B 63 -31.61 -10.21 -18.62
CA GLY B 63 -30.80 -10.83 -17.56
C GLY B 63 -29.43 -10.19 -17.31
N PHE B 64 -29.07 -9.10 -18.00
CA PHE B 64 -27.82 -8.42 -17.80
C PHE B 64 -28.13 -7.09 -17.08
N PRO B 65 -27.26 -6.71 -16.14
CA PRO B 65 -27.44 -5.42 -15.46
C PRO B 65 -27.18 -4.29 -16.39
N ILE B 66 -27.96 -3.22 -16.24
CA ILE B 66 -27.72 -2.05 -17.07
C ILE B 66 -27.54 -0.76 -16.22
N ALA B 67 -28.07 -0.74 -15.00
CA ALA B 67 -27.96 0.46 -14.19
C ALA B 67 -28.03 0.13 -12.75
N PHE B 68 -27.37 0.97 -11.93
CA PHE B 68 -27.35 0.73 -10.50
C PHE B 68 -27.20 2.06 -9.75
N CYS B 69 -27.96 2.23 -8.68
CA CYS B 69 -27.72 3.35 -7.75
C CYS B 69 -27.92 2.84 -6.34
N SER B 70 -27.27 3.50 -5.39
CA SER B 70 -27.35 3.12 -4.01
C SER B 70 -27.38 4.40 -3.17
N TRP B 71 -27.96 4.32 -1.98
CA TRP B 71 -28.05 5.50 -1.09
C TRP B 71 -27.85 5.13 0.34
N ALA B 72 -27.17 6.05 1.06
CA ALA B 72 -26.93 5.90 2.48
C ALA B 72 -27.77 6.96 3.19
N ASN B 73 -28.34 6.58 4.33
CA ASN B 73 -29.20 7.43 5.17
C ASN B 73 -28.37 7.81 6.38
N LEU B 74 -27.82 9.01 6.32
CA LEU B 74 -26.78 9.39 7.29
C LEU B 74 -27.30 10.37 8.36
N ASN B 75 -26.62 10.38 9.48
CA ASN B 75 -26.71 11.52 10.38
C ASN B 75 -25.65 12.57 9.96
N LEU B 76 -25.69 13.72 10.60
CA LEU B 76 -24.83 14.81 10.21
C LEU B 76 -23.35 14.47 10.42
N GLU B 77 -23.05 13.73 11.45
CA GLU B 77 -21.70 13.31 11.73
C GLU B 77 -21.11 12.46 10.56
N ASN B 78 -21.90 11.51 10.09
CA ASN B 78 -21.45 10.59 9.07
C ASN B 78 -21.46 11.29 7.71
N GLU B 79 -22.31 12.29 7.53
CA GLU B 79 -22.29 13.11 6.34
C GLU B 79 -20.99 13.85 6.20
N ILE B 80 -20.55 14.43 7.31
CA ILE B 80 -19.25 15.14 7.32
C ILE B 80 -18.11 14.16 7.12
N LYS B 81 -18.18 13.01 7.74
CA LYS B 81 -17.13 12.00 7.64
C LYS B 81 -17.03 11.56 6.16
N TYR B 82 -18.18 11.32 5.52
CA TYR B 82 -18.28 10.94 4.12
C TYR B 82 -17.73 12.01 3.18
N LEU B 83 -18.10 13.25 3.39
CA LEU B 83 -17.60 14.30 2.56
C LEU B 83 -16.09 14.56 2.74
N ASP B 84 -15.56 14.31 3.92
N ASP B 84 -15.56 14.29 3.92
CA ASP B 84 -14.12 14.41 4.13
CA ASP B 84 -14.09 14.34 4.14
C ASP B 84 -13.39 13.21 3.49
C ASP B 84 -13.38 13.20 3.44
N ASP B 85 -14.05 12.06 3.38
CA ASP B 85 -13.45 10.88 2.80
C ASP B 85 -14.54 9.93 2.26
N VAL B 86 -14.71 9.91 0.94
N VAL B 86 -14.69 9.90 0.94
CA VAL B 86 -15.86 9.24 0.32
CA VAL B 86 -15.81 9.24 0.27
C VAL B 86 -15.78 7.73 0.50
C VAL B 86 -15.77 7.74 0.48
N ALA B 87 -14.63 7.22 0.88
CA ALA B 87 -14.49 5.81 1.19
C ALA B 87 -14.59 5.43 2.64
N SER B 88 -15.03 6.34 3.53
CA SER B 88 -14.92 6.11 4.98
C SER B 88 -16.16 5.53 5.68
N LEU B 89 -17.27 5.41 4.99
CA LEU B 89 -18.51 4.84 5.64
C LEU B 89 -18.42 3.35 5.86
N VAL B 90 -18.95 2.90 6.98
CA VAL B 90 -19.02 1.48 7.31
C VAL B 90 -20.49 1.16 7.24
N ALA B 91 -20.79 -0.13 7.20
CA ALA B 91 -22.14 -0.58 6.99
C ALA B 91 -23.16 0.04 7.92
N ASP B 92 -22.86 0.06 9.20
CA ASP B 92 -23.80 0.62 10.16
C ASP B 92 -24.14 2.09 9.84
N ASP B 93 -23.21 2.85 9.23
CA ASP B 93 -23.49 4.27 8.94
C ASP B 93 -24.62 4.46 7.97
N TRP B 94 -24.90 3.40 7.20
CA TRP B 94 -25.85 3.55 6.11
C TRP B 94 -27.28 3.71 6.58
N THR B 95 -27.54 3.32 7.83
CA THR B 95 -28.86 3.58 8.44
C THR B 95 -28.71 4.48 9.68
N SER B 96 -27.87 5.52 9.60
CA SER B 96 -27.55 6.25 10.81
C SER B 96 -28.36 7.52 10.97
N GLY B 97 -29.14 7.91 9.97
CA GLY B 97 -29.91 9.13 10.10
C GLY B 97 -30.79 9.32 8.92
N ASP B 98 -31.24 10.54 8.71
CA ASP B 98 -32.21 10.82 7.66
C ASP B 98 -31.65 11.76 6.56
N ARG B 99 -30.34 11.94 6.50
CA ARG B 99 -29.77 12.78 5.44
C ARG B 99 -29.26 11.86 4.34
N ARG B 100 -29.98 11.83 3.22
CA ARG B 100 -29.78 10.78 2.24
C ARG B 100 -28.76 11.18 1.20
N TRP B 101 -27.82 10.26 0.95
CA TRP B 101 -26.80 10.46 -0.09
C TRP B 101 -26.75 9.31 -1.10
N PHE B 102 -26.76 9.63 -2.39
CA PHE B 102 -26.43 8.60 -3.42
C PHE B 102 -24.93 8.27 -3.32
N ILE B 103 -24.62 7.05 -2.99
CA ILE B 103 -23.28 6.59 -2.92
C ILE B 103 -22.73 6.22 -4.29
N ASP B 104 -23.50 5.48 -5.11
N ASP B 104 -23.53 5.55 -5.11
CA ASP B 104 -23.13 5.17 -6.51
CA ASP B 104 -23.16 5.26 -6.49
C ASP B 104 -24.33 5.46 -7.41
C ASP B 104 -24.35 5.48 -7.40
N TRP B 105 -24.06 5.79 -8.66
CA TRP B 105 -25.07 5.99 -9.68
C TRP B 105 -24.37 5.65 -10.98
N ILE B 106 -24.76 4.57 -11.64
CA ILE B 106 -24.07 4.19 -12.88
C ILE B 106 -25.03 3.60 -13.91
N ALA B 107 -24.90 4.03 -15.15
CA ALA B 107 -25.77 3.57 -16.21
C ALA B 107 -24.99 3.68 -17.52
N PRO B 108 -24.07 2.74 -17.75
CA PRO B 108 -23.16 2.87 -18.90
C PRO B 108 -23.79 2.54 -20.27
N PHE B 109 -25.01 2.06 -20.30
CA PHE B 109 -25.70 1.84 -21.61
C PHE B 109 -26.78 2.86 -21.85
N GLY B 110 -26.73 4.00 -21.16
CA GLY B 110 -27.67 5.10 -21.44
C GLY B 110 -28.98 5.08 -20.69
N ASP B 111 -29.08 4.36 -19.61
CA ASP B 111 -30.35 4.19 -18.91
C ASP B 111 -30.54 5.05 -17.66
N SER B 112 -29.85 6.15 -17.58
CA SER B 112 -29.97 7.05 -16.42
C SER B 112 -31.39 7.50 -16.13
N ALA B 113 -32.10 7.89 -17.18
CA ALA B 113 -33.48 8.37 -17.02
C ALA B 113 -34.36 7.34 -16.35
N ALA B 114 -34.19 6.08 -16.70
CA ALA B 114 -35.00 5.04 -16.08
C ALA B 114 -34.63 4.90 -14.59
N LEU B 115 -33.34 5.07 -14.24
CA LEU B 115 -32.96 5.10 -12.81
C LEU B 115 -33.62 6.29 -12.03
N TYR B 116 -33.48 7.46 -12.62
CA TYR B 116 -34.10 8.68 -12.14
C TYR B 116 -35.58 8.45 -11.89
N LYS B 117 -36.28 7.94 -12.89
N LYS B 117 -36.28 7.93 -12.89
CA LYS B 117 -37.73 7.75 -12.76
CA LYS B 117 -37.71 7.73 -12.75
C LYS B 117 -38.07 6.74 -11.68
C LYS B 117 -38.05 6.75 -11.65
N HIS B 118 -37.31 5.66 -11.60
CA HIS B 118 -37.55 4.69 -10.58
C HIS B 118 -37.43 5.33 -9.18
N MET B 119 -36.44 6.21 -9.00
CA MET B 119 -36.27 6.85 -7.69
C MET B 119 -37.38 7.89 -7.46
N ARG B 120 -37.67 8.69 -8.49
CA ARG B 120 -38.79 9.68 -8.41
C ARG B 120 -40.07 9.04 -7.96
N ASP B 121 -40.39 7.87 -8.53
CA ASP B 121 -41.70 7.25 -8.29
C ASP B 121 -41.67 6.49 -7.02
N ASN B 122 -40.55 5.87 -6.67
CA ASN B 122 -40.56 5.06 -5.45
C ASN B 122 -40.17 5.78 -4.21
N PHE B 123 -39.66 6.99 -4.33
CA PHE B 123 -39.34 7.79 -3.13
C PHE B 123 -39.93 9.20 -3.30
N PRO B 124 -41.28 9.31 -3.47
CA PRO B 124 -41.91 10.54 -3.99
C PRO B 124 -41.77 11.75 -3.09
N ASN B 125 -41.64 11.49 -1.80
CA ASN B 125 -41.44 12.56 -0.84
C ASN B 125 -40.04 12.66 -0.24
N GLU B 126 -39.02 12.08 -0.89
CA GLU B 126 -37.69 12.07 -0.32
C GLU B 126 -36.77 13.03 -1.03
N LEU B 127 -35.71 13.42 -0.33
CA LEU B 127 -34.68 14.25 -0.95
C LEU B 127 -33.31 13.56 -0.70
N PHE B 128 -32.46 13.65 -1.72
CA PHE B 128 -31.19 12.94 -1.75
C PHE B 128 -30.18 13.96 -2.24
N ARG B 129 -28.97 13.90 -1.72
CA ARG B 129 -27.90 14.69 -2.30
C ARG B 129 -26.86 13.78 -2.90
N ALA B 130 -25.98 14.34 -3.74
CA ALA B 130 -24.83 13.58 -4.26
C ALA B 130 -23.70 14.56 -4.39
N ILE B 131 -22.49 14.06 -4.24
CA ILE B 131 -21.33 14.93 -4.38
C ILE B 131 -20.49 14.52 -5.58
N ARG B 132 -20.12 15.47 -6.43
CA ARG B 132 -19.16 15.20 -7.51
C ARG B 132 -17.97 16.13 -7.38
N VAL B 133 -16.77 15.60 -7.37
CA VAL B 133 -15.61 16.45 -7.16
C VAL B 133 -15.05 16.82 -8.52
N ASP B 134 -14.95 18.12 -8.83
CA ASP B 134 -14.55 18.65 -10.15
C ASP B 134 -13.06 18.45 -10.31
N PRO B 135 -12.63 17.76 -11.40
CA PRO B 135 -11.19 17.51 -11.52
C PRO B 135 -10.33 18.77 -11.76
N ASP B 136 -10.94 19.90 -12.09
CA ASP B 136 -10.21 21.17 -12.25
C ASP B 136 -9.87 21.80 -10.89
N SER B 137 -10.89 21.87 -10.03
CA SER B 137 -10.89 22.80 -8.91
C SER B 137 -10.92 22.18 -7.52
N ARG B 138 -11.19 20.88 -7.45
CA ARG B 138 -11.29 20.18 -6.14
C ARG B 138 -12.46 20.73 -5.30
N VAL B 139 -13.33 21.47 -5.93
CA VAL B 139 -14.57 21.90 -5.34
C VAL B 139 -15.48 20.69 -5.56
N GLY B 140 -16.23 20.32 -4.51
CA GLY B 140 -17.22 19.27 -4.66
C GLY B 140 -18.54 19.95 -4.93
N LYS B 141 -19.20 19.52 -5.99
CA LYS B 141 -20.45 20.13 -6.36
C LYS B 141 -21.41 19.17 -5.74
N ILE B 142 -22.29 19.72 -4.95
CA ILE B 142 -23.34 18.99 -4.33
C ILE B 142 -24.60 19.19 -5.13
N SER B 143 -25.21 18.10 -5.57
CA SER B 143 -26.50 18.17 -6.26
C SER B 143 -27.60 17.65 -5.43
N GLU B 144 -28.81 18.01 -5.83
CA GLU B 144 -29.99 17.68 -5.08
C GLU B 144 -30.92 16.88 -6.00
N PHE B 145 -31.52 15.84 -5.47
CA PHE B 145 -32.55 15.13 -6.20
C PHE B 145 -33.74 14.92 -5.28
N HIS B 146 -34.95 15.06 -5.81
CA HIS B 146 -36.14 14.90 -4.94
C HIS B 146 -37.24 14.13 -5.64
N GLY B 147 -38.01 13.42 -4.85
CA GLY B 147 -39.11 12.63 -5.34
C GLY B 147 -40.17 13.48 -6.05
N GLY B 148 -41.01 12.79 -6.80
CA GLY B 148 -42.00 13.43 -7.64
C GLY B 148 -43.07 14.23 -6.91
N LYS B 149 -43.35 13.92 -5.65
CA LYS B 149 -44.34 14.67 -4.85
C LYS B 149 -43.79 15.79 -3.95
N ILE B 150 -42.54 16.15 -4.15
CA ILE B 150 -41.98 17.42 -3.63
C ILE B 150 -41.85 18.51 -4.67
N ASP B 151 -42.48 19.68 -4.46
CA ASP B 151 -42.39 20.80 -5.42
C ASP B 151 -41.08 21.53 -5.28
N LYS B 152 -40.81 22.29 -6.31
CA LYS B 152 -39.53 22.94 -6.52
C LYS B 152 -39.13 23.85 -5.38
N LYS B 153 -40.08 24.69 -4.97
CA LYS B 153 -39.84 25.66 -3.92
C LYS B 153 -39.55 24.95 -2.60
N LEU B 154 -40.32 23.90 -2.28
CA LEU B 154 -40.08 23.20 -1.03
C LEU B 154 -38.73 22.47 -1.05
N ALA B 155 -38.40 21.88 -2.20
CA ALA B 155 -37.16 21.13 -2.33
C ALA B 155 -35.99 22.04 -2.09
N SER B 156 -35.99 23.14 -2.80
CA SER B 156 -34.95 24.10 -2.66
C SER B 156 -34.78 24.61 -1.18
N LYS B 157 -35.87 24.75 -0.46
CA LYS B 157 -35.78 25.11 0.94
C LYS B 157 -35.22 23.98 1.80
N ILE B 158 -35.60 22.75 1.55
CA ILE B 158 -35.02 21.63 2.32
C ILE B 158 -33.50 21.50 2.07
N PHE B 159 -33.11 21.66 0.82
CA PHE B 159 -31.74 21.58 0.40
C PHE B 159 -30.89 22.71 1.04
N GLN B 160 -31.44 23.93 1.09
CA GLN B 160 -30.75 25.03 1.73
C GLN B 160 -30.58 24.76 3.19
N GLN B 161 -31.61 24.22 3.84
CA GLN B 161 -31.50 23.93 5.25
C GLN B 161 -30.40 22.87 5.52
N TYR B 162 -30.40 21.81 4.73
CA TYR B 162 -29.43 20.75 4.93
C TYR B 162 -28.05 21.36 4.81
N HIS B 163 -27.89 22.19 3.80
CA HIS B 163 -26.62 22.82 3.53
C HIS B 163 -26.18 23.83 4.61
N PHE B 164 -27.12 24.60 5.11
CA PHE B 164 -26.83 25.48 6.22
C PHE B 164 -26.40 24.68 7.45
N GLU B 165 -27.07 23.57 7.74
CA GLU B 165 -26.69 22.77 8.91
C GLU B 165 -25.29 22.19 8.73
N LEU B 166 -24.99 21.76 7.50
CA LEU B 166 -23.69 21.20 7.19
C LEU B 166 -22.59 22.28 7.38
N MET B 167 -22.79 23.43 6.76
CA MET B 167 -21.80 24.49 6.81
C MET B 167 -21.55 24.96 8.26
N SER B 168 -22.60 25.08 9.03
CA SER B 168 -22.47 25.55 10.38
C SER B 168 -21.71 24.56 11.18
N GLU B 169 -21.99 23.28 11.03
CA GLU B 169 -21.28 22.31 11.83
C GLU B 169 -19.80 22.20 11.40
N LEU B 170 -19.54 22.24 10.11
CA LEU B 170 -18.17 22.25 9.63
C LEU B 170 -17.37 23.39 10.30
N LYS B 171 -17.91 24.58 10.30
CA LYS B 171 -17.23 25.71 10.96
C LYS B 171 -17.09 25.49 12.46
N ASN B 172 -18.18 25.13 13.09
CA ASN B 172 -18.20 24.91 14.53
C ASN B 172 -17.22 23.79 14.97
N LYS B 173 -16.96 22.79 14.13
CA LYS B 173 -16.06 21.72 14.46
C LYS B 173 -14.67 22.26 14.68
N GLN B 174 -14.34 23.35 14.00
CA GLN B 174 -12.95 23.83 14.02
C GLN B 174 -12.57 24.19 15.44
N ASN B 175 -13.54 24.69 16.19
CA ASN B 175 -13.32 25.08 17.60
C ASN B 175 -12.89 23.96 18.50
N PHE B 176 -13.18 22.71 18.12
CA PHE B 176 -12.91 21.56 19.01
C PHE B 176 -11.87 20.62 18.45
N LYS B 177 -11.23 21.03 17.37
CA LYS B 177 -10.27 20.15 16.77
C LYS B 177 -9.04 20.06 17.59
N PHE B 178 -8.77 21.05 18.42
CA PHE B 178 -7.55 21.14 19.21
C PHE B 178 -7.84 21.56 20.63
N SER B 179 -7.14 21.01 21.61
CA SER B 179 -6.94 21.72 22.89
C SER B 179 -5.52 22.28 22.88
N LEU B 180 -5.29 23.32 23.69
CA LEU B 180 -3.97 23.93 23.85
C LEU B 180 -3.28 23.52 25.14
N VAL B 181 -1.95 23.57 25.15
CA VAL B 181 -1.12 23.24 26.36
C VAL B 181 0.17 24.10 26.40
N ASN B 182 0.44 24.71 27.53
CA ASN B 182 1.75 25.32 27.70
C ASN B 182 2.79 24.28 28.12
N SER B 183 3.81 24.09 27.27
CA SER B 183 4.96 23.21 27.57
C SER B 183 5.63 23.59 28.90
N LYS C 15 32.46 3.53 12.22
CA LYS C 15 31.18 3.82 12.97
C LYS C 15 30.46 5.14 12.58
N ILE C 16 31.24 6.15 12.23
CA ILE C 16 30.68 7.31 11.53
C ILE C 16 30.33 6.83 10.12
N ASN C 17 31.22 6.05 9.55
CA ASN C 17 30.96 5.27 8.36
C ASN C 17 29.67 4.48 8.47
N GLY C 18 29.48 3.82 9.61
CA GLY C 18 28.27 3.02 9.85
C GLY C 18 26.94 3.75 9.67
N PHE C 19 26.84 4.90 10.30
CA PHE C 19 25.67 5.72 10.20
C PHE C 19 25.49 6.25 8.79
N GLU C 20 26.58 6.52 8.13
CA GLU C 20 26.51 7.05 6.79
C GLU C 20 25.91 5.99 5.87
N VAL C 21 26.36 4.75 6.03
CA VAL C 21 25.84 3.68 5.20
C VAL C 21 24.37 3.46 5.54
N LEU C 22 24.06 3.46 6.84
CA LEU C 22 22.69 3.26 7.24
C LEU C 22 21.77 4.32 6.58
N GLY C 23 22.27 5.56 6.49
CA GLY C 23 21.51 6.68 5.91
C GLY C 23 21.28 6.45 4.45
N GLU C 24 22.31 5.99 3.78
CA GLU C 24 22.16 5.68 2.36
C GLU C 24 21.15 4.61 2.14
N VAL C 25 21.21 3.56 2.94
CA VAL C 25 20.27 2.44 2.76
C VAL C 25 18.85 2.88 3.07
N ALA C 26 18.68 3.67 4.12
CA ALA C 26 17.37 4.25 4.44
C ALA C 26 16.81 5.05 3.26
N TRP C 27 17.67 5.84 2.63
CA TRP C 27 17.24 6.68 1.51
C TRP C 27 16.84 5.81 0.36
N LEU C 28 17.60 4.76 0.15
CA LEU C 28 17.26 3.83 -0.92
C LEU C 28 16.02 3.07 -0.65
N TRP C 29 15.75 2.66 0.61
CA TRP C 29 14.45 2.04 0.95
C TRP C 29 13.31 3.04 0.65
N ALA C 30 13.53 4.31 1.01
CA ALA C 30 12.52 5.37 0.82
C ALA C 30 12.26 5.65 -0.66
N SER C 31 13.20 5.31 -1.52
CA SER C 31 12.98 5.43 -2.97
C SER C 31 12.45 4.14 -3.59
N SER C 32 12.06 3.16 -2.80
CA SER C 32 11.61 1.88 -3.31
C SER C 32 10.15 1.68 -3.00
N PRO C 33 9.38 1.23 -4.00
CA PRO C 33 7.96 1.20 -3.81
C PRO C 33 7.46 0.36 -2.66
N LEU C 34 8.06 -0.79 -2.42
CA LEU C 34 7.59 -1.61 -1.26
C LEU C 34 8.33 -1.22 -0.01
N HIS C 35 9.65 -1.12 -0.08
CA HIS C 35 10.42 -0.90 1.15
C HIS C 35 10.08 0.43 1.82
N ARG C 36 9.64 1.41 1.06
CA ARG C 36 9.33 2.71 1.65
C ARG C 36 8.22 2.61 2.61
N LYS C 37 7.42 1.55 2.53
CA LYS C 37 6.31 1.41 3.45
C LYS C 37 6.70 0.62 4.70
N TRP C 38 7.90 0.09 4.74
CA TRP C 38 8.27 -0.76 5.85
C TRP C 38 8.66 0.11 7.02
N PRO C 39 8.52 -0.40 8.24
CA PRO C 39 8.83 0.34 9.43
C PRO C 39 10.30 0.46 9.78
N LEU C 40 10.61 1.53 10.50
CA LEU C 40 11.98 1.78 10.88
C LEU C 40 12.55 0.61 11.70
N SER C 41 11.66 -0.09 12.45
CA SER C 41 12.11 -1.27 13.19
C SER C 41 12.75 -2.28 12.25
N LEU C 42 12.17 -2.44 11.05
CA LEU C 42 12.67 -3.47 10.11
C LEU C 42 13.97 -3.01 9.44
N LEU C 43 14.14 -1.72 9.27
CA LEU C 43 15.40 -1.21 8.80
C LEU C 43 16.52 -1.58 9.80
N ALA C 44 16.32 -1.29 11.09
CA ALA C 44 17.34 -1.65 12.10
C ALA C 44 17.61 -3.17 12.08
N ILE C 45 16.56 -3.96 12.05
CA ILE C 45 16.71 -5.40 12.09
C ILE C 45 17.47 -5.94 10.87
N ASN C 46 17.13 -5.45 9.67
CA ASN C 46 17.70 -5.96 8.43
C ASN C 46 19.02 -5.36 8.11
N VAL C 47 19.27 -4.15 8.55
CA VAL C 47 20.45 -3.47 8.06
C VAL C 47 21.60 -3.35 9.07
N LEU C 48 21.32 -3.14 10.34
CA LEU C 48 22.46 -2.94 11.30
C LEU C 48 23.39 -4.14 11.32
N PRO C 49 22.85 -5.35 11.38
CA PRO C 49 23.80 -6.47 11.38
C PRO C 49 24.53 -6.65 10.08
N ALA C 50 23.92 -6.23 8.97
CA ALA C 50 24.57 -6.32 7.66
C ALA C 50 25.78 -5.46 7.66
N ILE C 51 25.59 -4.26 8.17
CA ILE C 51 26.69 -3.31 8.24
C ILE C 51 27.79 -3.76 9.20
N GLU C 52 27.38 -4.26 10.36
N GLU C 52 27.38 -4.25 10.36
CA GLU C 52 28.30 -4.66 11.42
CA GLU C 52 28.33 -4.67 11.41
C GLU C 52 29.17 -5.82 10.99
C GLU C 52 29.21 -5.80 10.91
N SER C 53 28.59 -6.75 10.25
CA SER C 53 29.28 -7.93 9.78
C SER C 53 29.94 -7.72 8.43
N ASN C 54 29.69 -6.57 7.84
N ASN C 54 29.70 -6.56 7.83
CA ASN C 54 30.13 -6.26 6.49
CA ASN C 54 30.14 -6.25 6.47
C ASN C 54 29.60 -7.21 5.42
C ASN C 54 29.59 -7.21 5.41
N GLN C 55 28.45 -7.85 5.68
CA GLN C 55 27.88 -8.77 4.71
C GLN C 55 26.79 -8.05 3.86
N TYR C 56 27.27 -7.10 3.05
CA TYR C 56 26.40 -6.34 2.16
C TYR C 56 27.21 -5.77 1.04
N VAL C 57 26.53 -5.39 -0.04
CA VAL C 57 27.09 -4.61 -1.12
C VAL C 57 26.21 -3.39 -1.34
N LEU C 58 26.80 -2.22 -1.40
CA LEU C 58 26.10 -1.02 -1.68
C LEU C 58 26.71 -0.42 -2.92
N LEU C 59 25.97 -0.35 -4.03
CA LEU C 59 26.48 0.31 -5.21
C LEU C 59 25.98 1.73 -5.28
N LYS C 60 26.83 2.63 -5.76
CA LYS C 60 26.56 4.09 -5.83
C LYS C 60 26.81 4.66 -7.23
N ARG C 61 26.18 5.78 -7.55
CA ARG C 61 26.49 6.55 -8.76
C ARG C 61 26.37 8.02 -8.38
N ASP C 62 27.40 8.80 -8.68
CA ASP C 62 27.38 10.26 -8.45
C ASP C 62 27.09 10.53 -7.03
N GLY C 63 27.72 9.74 -6.16
CA GLY C 63 27.56 9.88 -4.69
C GLY C 63 26.21 9.55 -4.06
N PHE C 64 25.28 9.02 -4.88
CA PHE C 64 24.00 8.53 -4.41
C PHE C 64 23.91 6.99 -4.58
N PRO C 65 23.26 6.34 -3.61
CA PRO C 65 23.15 4.88 -3.66
C PRO C 65 22.19 4.56 -4.75
N ILE C 66 22.43 3.47 -5.46
CA ILE C 66 21.49 2.99 -6.44
C ILE C 66 21.05 1.53 -6.24
N ALA C 67 21.84 0.71 -5.53
CA ALA C 67 21.48 -0.67 -5.31
C ALA C 67 22.12 -1.23 -4.04
N PHE C 68 21.45 -2.22 -3.43
CA PHE C 68 21.87 -2.77 -2.15
C PHE C 68 21.41 -4.21 -1.98
N CYS C 69 22.29 -5.08 -1.55
CA CYS C 69 21.92 -6.42 -1.11
C CYS C 69 22.71 -6.78 0.12
N SER C 70 22.15 -7.65 0.92
CA SER C 70 22.76 -8.07 2.19
C SER C 70 22.47 -9.54 2.37
N TRP C 71 23.30 -10.21 3.17
CA TRP C 71 23.12 -11.66 3.39
C TRP C 71 23.51 -12.08 4.78
N ALA C 72 22.77 -13.04 5.27
CA ALA C 72 22.99 -13.62 6.60
C ALA C 72 23.45 -15.09 6.38
N ASN C 73 24.44 -15.50 7.16
CA ASN C 73 25.08 -16.81 7.03
C ASN C 73 24.55 -17.62 8.21
N LEU C 74 23.55 -18.43 7.93
CA LEU C 74 22.76 -19.03 8.99
C LEU C 74 23.07 -20.51 9.23
N ASN C 75 22.79 -20.98 10.45
CA ASN C 75 22.65 -22.39 10.65
C ASN C 75 21.22 -22.82 10.37
N LEU C 76 20.96 -24.13 10.41
CA LEU C 76 19.63 -24.61 10.04
C LEU C 76 18.55 -24.10 11.00
N GLU C 77 18.89 -24.01 12.29
CA GLU C 77 17.96 -23.55 13.32
C GLU C 77 17.49 -22.10 12.97
N ASN C 78 18.45 -21.25 12.62
CA ASN C 78 18.16 -19.86 12.32
C ASN C 78 17.49 -19.69 10.95
N GLU C 79 17.79 -20.57 10.00
CA GLU C 79 17.11 -20.59 8.74
C GLU C 79 15.62 -20.87 8.93
N ILE C 80 15.31 -21.85 9.77
CA ILE C 80 13.90 -22.16 10.05
C ILE C 80 13.24 -21.01 10.82
N LYS C 81 13.96 -20.42 11.75
CA LYS C 81 13.43 -19.30 12.51
C LYS C 81 13.06 -18.13 11.53
N TYR C 82 13.99 -17.84 10.63
CA TYR C 82 13.83 -16.78 9.66
C TYR C 82 12.67 -17.05 8.73
N LEU C 83 12.55 -18.26 8.25
CA LEU C 83 11.46 -18.58 7.37
C LEU C 83 10.09 -18.64 8.07
N ASP C 84 10.05 -18.91 9.35
CA ASP C 84 8.82 -18.77 10.13
C ASP C 84 8.51 -17.29 10.36
N ASP C 85 9.52 -16.46 10.46
CA ASP C 85 9.32 -15.04 10.73
C ASP C 85 10.52 -14.23 10.24
N VAL C 86 10.32 -13.54 9.12
CA VAL C 86 11.46 -12.88 8.43
C VAL C 86 12.09 -11.77 9.24
N ALA C 87 11.38 -11.29 10.25
CA ALA C 87 11.92 -10.21 11.10
C ALA C 87 12.55 -10.72 12.41
N SER C 88 12.76 -12.02 12.56
CA SER C 88 13.16 -12.61 13.87
C SER C 88 14.65 -12.74 14.10
N LEU C 89 15.50 -12.47 13.11
CA LEU C 89 16.93 -12.67 13.31
C LEU C 89 17.52 -11.60 14.18
N VAL C 90 18.52 -11.99 14.99
CA VAL C 90 19.30 -11.03 15.76
C VAL C 90 20.72 -11.08 15.20
N ALA C 91 21.53 -10.11 15.56
CA ALA C 91 22.82 -9.89 14.93
C ALA C 91 23.70 -11.09 14.97
N ASP C 92 23.74 -11.77 16.12
CA ASP C 92 24.59 -12.96 16.19
C ASP C 92 24.18 -14.02 15.19
N ASP C 93 22.92 -14.08 14.82
CA ASP C 93 22.45 -15.14 13.86
C ASP C 93 23.09 -14.96 12.52
N TRP C 94 23.57 -13.75 12.25
CA TRP C 94 24.06 -13.46 10.88
C TRP C 94 25.36 -14.15 10.52
N THR C 95 26.07 -14.61 11.56
CA THR C 95 27.28 -15.39 11.35
C THR C 95 27.14 -16.75 12.01
N SER C 96 25.96 -17.35 11.97
CA SER C 96 25.73 -18.52 12.79
C SER C 96 25.94 -19.81 12.01
N GLY C 97 26.14 -19.74 10.70
CA GLY C 97 26.33 -20.96 9.96
C GLY C 97 26.71 -20.64 8.53
N ASP C 98 26.52 -21.62 7.64
CA ASP C 98 27.01 -21.54 6.28
C ASP C 98 25.83 -21.57 5.26
N ARG C 99 24.61 -21.36 5.72
CA ARG C 99 23.48 -21.36 4.80
C ARG C 99 23.10 -19.90 4.54
N ARG C 100 23.43 -19.41 3.35
CA ARG C 100 23.40 -17.96 3.07
C ARG C 100 22.06 -17.52 2.53
N TRP C 101 21.52 -16.47 3.13
CA TRP C 101 20.23 -15.89 2.70
C TRP C 101 20.38 -14.39 2.40
N PHE C 102 19.92 -13.96 1.24
CA PHE C 102 19.79 -12.56 0.95
C PHE C 102 18.67 -11.97 1.78
N ILE C 103 19.02 -11.07 2.67
CA ILE C 103 18.05 -10.45 3.53
C ILE C 103 17.34 -9.28 2.81
N ASP C 104 18.09 -8.45 2.08
CA ASP C 104 17.51 -7.45 1.18
C ASP C 104 18.23 -7.50 -0.15
N TRP C 105 17.50 -7.16 -1.21
CA TRP C 105 18.07 -7.03 -2.56
C TRP C 105 17.24 -5.96 -3.27
N ILE C 106 17.76 -4.74 -3.35
CA ILE C 106 16.97 -3.67 -3.97
C ILE C 106 17.79 -2.92 -5.01
N ALA C 107 17.10 -2.47 -6.06
CA ALA C 107 17.72 -1.60 -7.11
C ALA C 107 16.56 -0.87 -7.78
N PRO C 108 16.02 0.14 -7.11
CA PRO C 108 14.75 0.69 -7.47
C PRO C 108 14.84 1.56 -8.72
N PHE C 109 16.03 1.95 -9.14
CA PHE C 109 16.21 2.76 -10.32
C PHE C 109 16.64 1.93 -11.53
N GLY C 110 16.52 0.60 -11.48
CA GLY C 110 16.84 -0.23 -12.65
C GLY C 110 18.22 -0.79 -12.74
N ASP C 111 18.99 -0.78 -11.65
CA ASP C 111 20.38 -1.24 -11.69
C ASP C 111 20.62 -2.67 -11.19
N SER C 112 19.62 -3.50 -11.24
CA SER C 112 19.78 -4.84 -10.73
C SER C 112 20.87 -5.66 -11.41
N ALA C 113 21.01 -5.51 -12.72
CA ALA C 113 22.06 -6.28 -13.47
C ALA C 113 23.44 -5.97 -12.94
N ALA C 114 23.67 -4.71 -12.58
CA ALA C 114 24.97 -4.38 -12.01
C ALA C 114 25.19 -5.03 -10.66
N LEU C 115 24.13 -5.09 -9.85
CA LEU C 115 24.27 -5.78 -8.56
C LEU C 115 24.53 -7.29 -8.75
N TYR C 116 23.74 -7.88 -9.60
CA TYR C 116 23.87 -9.29 -9.93
C TYR C 116 25.30 -9.60 -10.33
N LYS C 117 25.81 -8.82 -11.27
CA LYS C 117 27.17 -9.08 -11.76
C LYS C 117 28.22 -8.94 -10.64
N HIS C 118 28.05 -7.92 -9.82
CA HIS C 118 28.94 -7.72 -8.73
C HIS C 118 28.97 -8.93 -7.83
N MET C 119 27.80 -9.52 -7.55
CA MET C 119 27.76 -10.68 -6.68
C MET C 119 28.39 -11.93 -7.37
N ARG C 120 27.99 -12.13 -8.61
CA ARG C 120 28.54 -13.20 -9.43
C ARG C 120 30.07 -13.19 -9.42
N ASP C 121 30.67 -12.03 -9.61
CA ASP C 121 32.11 -11.94 -9.74
C ASP C 121 32.81 -11.90 -8.42
N ASN C 122 32.22 -11.28 -7.41
CA ASN C 122 32.94 -11.20 -6.15
C ASN C 122 32.69 -12.34 -5.22
N PHE C 123 31.70 -13.19 -5.49
CA PHE C 123 31.44 -14.34 -4.62
C PHE C 123 31.34 -15.56 -5.51
N PRO C 124 32.41 -15.81 -6.31
CA PRO C 124 32.31 -16.69 -7.49
C PRO C 124 31.99 -18.14 -7.17
N ASN C 125 32.34 -18.56 -5.98
CA ASN C 125 32.02 -19.91 -5.51
C ASN C 125 31.00 -19.97 -4.38
N GLU C 126 30.21 -18.92 -4.18
CA GLU C 126 29.21 -18.95 -3.11
C GLU C 126 27.80 -19.24 -3.63
N LEU C 127 26.96 -19.70 -2.72
CA LEU C 127 25.58 -19.99 -3.00
C LEU C 127 24.70 -19.25 -2.01
N PHE C 128 23.56 -18.74 -2.49
CA PHE C 128 22.68 -17.92 -1.68
C PHE C 128 21.25 -18.33 -2.00
N ARG C 129 20.35 -18.23 -1.02
CA ARG C 129 18.94 -18.37 -1.32
C ARG C 129 18.21 -17.05 -0.93
N ALA C 130 17.01 -16.85 -1.44
CA ALA C 130 16.14 -15.74 -1.01
C ALA C 130 14.72 -16.23 -0.94
N ILE C 131 13.93 -15.67 -0.05
CA ILE C 131 12.51 -16.02 0.01
C ILE C 131 11.70 -14.86 -0.46
N ARG C 132 10.73 -15.12 -1.31
CA ARG C 132 9.73 -14.09 -1.60
C ARG C 132 8.35 -14.56 -1.22
N VAL C 133 7.60 -13.73 -0.52
CA VAL C 133 6.28 -14.08 -0.05
C VAL C 133 5.20 -13.34 -0.83
N ASP C 134 4.23 -14.06 -1.36
CA ASP C 134 3.05 -13.45 -1.95
C ASP C 134 1.99 -13.34 -0.89
N PRO C 135 1.65 -12.10 -0.48
CA PRO C 135 0.69 -12.01 0.64
C PRO C 135 -0.75 -12.32 0.25
N ASP C 136 -1.05 -12.42 -1.04
CA ASP C 136 -2.42 -12.71 -1.48
C ASP C 136 -2.69 -14.21 -1.52
N SER C 137 -1.63 -15.01 -1.62
CA SER C 137 -1.76 -16.48 -1.53
C SER C 137 -1.14 -17.05 -0.24
N ARG C 138 -0.35 -16.23 0.45
CA ARG C 138 0.36 -16.64 1.68
C ARG C 138 1.35 -17.74 1.37
N VAL C 139 1.92 -17.72 0.18
CA VAL C 139 2.90 -18.68 -0.25
C VAL C 139 4.21 -17.97 -0.36
N GLY C 140 5.23 -18.59 0.21
CA GLY C 140 6.60 -18.17 0.03
C GLY C 140 7.31 -19.03 -0.98
N LYS C 141 8.11 -18.39 -1.82
CA LYS C 141 8.97 -19.11 -2.77
C LYS C 141 10.42 -18.84 -2.49
N ILE C 142 11.21 -19.86 -2.67
CA ILE C 142 12.61 -19.79 -2.51
C ILE C 142 13.34 -19.74 -3.84
N SER C 143 14.18 -18.75 -4.02
CA SER C 143 15.04 -18.69 -5.22
C SER C 143 16.51 -18.93 -4.87
N GLU C 144 17.27 -19.37 -5.86
CA GLU C 144 18.63 -19.85 -5.64
C GLU C 144 19.54 -18.96 -6.45
N PHE C 145 20.68 -18.57 -5.89
CA PHE C 145 21.68 -17.82 -6.68
C PHE C 145 23.07 -18.38 -6.41
N HIS C 146 23.91 -18.42 -7.43
CA HIS C 146 25.29 -18.84 -7.24
C HIS C 146 26.28 -18.00 -7.96
N GLY C 147 27.51 -17.94 -7.41
CA GLY C 147 28.60 -17.19 -8.02
C GLY C 147 28.96 -17.64 -9.42
N GLY C 148 29.72 -16.80 -10.12
CA GLY C 148 30.03 -16.97 -11.54
C GLY C 148 30.96 -18.12 -11.89
N LYS C 149 31.82 -18.57 -10.97
CA LYS C 149 32.77 -19.62 -11.32
C LYS C 149 32.43 -21.00 -10.86
N ILE C 150 31.38 -21.20 -10.08
CA ILE C 150 31.20 -22.49 -9.43
C ILE C 150 30.44 -23.34 -10.39
N ASP C 151 30.77 -24.62 -10.37
CA ASP C 151 30.29 -25.53 -11.42
C ASP C 151 28.78 -25.73 -11.26
N LYS C 152 28.04 -25.66 -12.37
CA LYS C 152 26.60 -25.73 -12.36
C LYS C 152 26.08 -27.01 -11.68
N LYS C 153 26.70 -28.14 -12.02
CA LYS C 153 26.30 -29.43 -11.48
C LYS C 153 26.54 -29.47 -9.98
N LEU C 154 27.69 -28.97 -9.52
CA LEU C 154 28.00 -28.97 -8.09
C LEU C 154 27.00 -28.05 -7.35
N ALA C 155 26.70 -26.89 -7.92
CA ALA C 155 25.80 -25.94 -7.29
C ALA C 155 24.41 -26.56 -7.10
N SER C 156 23.90 -27.09 -8.19
CA SER C 156 22.62 -27.75 -8.15
C SER C 156 22.54 -28.91 -7.09
N LYS C 157 23.63 -29.64 -6.91
CA LYS C 157 23.67 -30.64 -5.87
C LYS C 157 23.70 -30.05 -4.47
N ILE C 158 24.44 -28.97 -4.26
CA ILE C 158 24.45 -28.35 -2.93
C ILE C 158 23.05 -27.81 -2.58
N PHE C 159 22.39 -27.22 -3.56
CA PHE C 159 21.05 -26.73 -3.36
C PHE C 159 20.09 -27.84 -3.01
N GLN C 160 20.19 -28.96 -3.71
N GLN C 160 20.19 -28.97 -3.70
CA GLN C 160 19.30 -30.08 -3.43
CA GLN C 160 19.27 -30.10 -3.41
C GLN C 160 19.49 -30.57 -1.97
C GLN C 160 19.47 -30.54 -1.96
N GLN C 161 20.73 -30.61 -1.54
CA GLN C 161 20.99 -31.03 -0.20
C GLN C 161 20.42 -30.00 0.86
N TYR C 162 20.59 -28.70 0.60
CA TYR C 162 20.05 -27.68 1.50
C TYR C 162 18.56 -27.87 1.63
N HIS C 163 17.91 -28.10 0.50
CA HIS C 163 16.51 -28.20 0.44
C HIS C 163 16.04 -29.43 1.18
N PHE C 164 16.71 -30.55 0.97
CA PHE C 164 16.29 -31.78 1.64
C PHE C 164 16.42 -31.61 3.14
N GLU C 165 17.49 -30.96 3.58
CA GLU C 165 17.70 -30.78 5.00
C GLU C 165 16.62 -29.88 5.60
N LEU C 166 16.24 -28.83 4.86
CA LEU C 166 15.26 -27.91 5.33
C LEU C 166 13.89 -28.60 5.39
N MET C 167 13.49 -29.24 4.29
CA MET C 167 12.19 -29.90 4.23
C MET C 167 12.04 -30.95 5.32
N SER C 168 13.09 -31.73 5.56
CA SER C 168 13.01 -32.80 6.53
C SER C 168 12.88 -32.20 7.93
N GLU C 169 13.59 -31.11 8.21
CA GLU C 169 13.51 -30.56 9.54
C GLU C 169 12.16 -29.85 9.73
N LEU C 170 11.63 -29.23 8.68
CA LEU C 170 10.33 -28.62 8.79
C LEU C 170 9.25 -29.63 9.10
N LYS C 171 9.29 -30.74 8.37
CA LYS C 171 8.35 -31.80 8.56
C LYS C 171 8.46 -32.37 9.96
N ASN C 172 9.67 -32.60 10.44
CA ASN C 172 9.83 -33.01 11.83
C ASN C 172 9.18 -31.99 12.81
N LYS C 173 9.42 -30.71 12.62
CA LYS C 173 8.81 -29.70 13.48
C LYS C 173 7.27 -29.63 13.29
N GLN C 174 6.80 -29.98 12.10
CA GLN C 174 5.38 -30.01 11.80
C GLN C 174 4.63 -30.98 12.73
N ASN C 175 5.28 -32.08 13.11
CA ASN C 175 4.71 -33.10 13.98
C ASN C 175 4.43 -32.64 15.38
N PHE C 176 5.08 -31.59 15.85
CA PHE C 176 4.90 -31.13 17.23
C PHE C 176 3.96 -29.91 17.28
N LYS C 177 3.51 -29.40 16.15
CA LYS C 177 2.68 -28.21 16.14
C LYS C 177 1.24 -28.43 16.61
N PHE C 178 0.69 -27.42 17.27
CA PHE C 178 -0.58 -27.55 17.94
C PHE C 178 -1.31 -26.22 17.97
N SER C 179 -2.56 -26.28 18.38
CA SER C 179 -3.42 -25.13 18.46
C SER C 179 -3.55 -24.72 19.92
N LEU C 180 -3.46 -23.43 20.21
CA LEU C 180 -3.65 -22.99 21.56
C LEU C 180 -5.10 -22.67 21.78
N VAL C 181 -5.65 -23.19 22.88
CA VAL C 181 -7.06 -23.03 23.23
C VAL C 181 -7.12 -22.97 24.76
N ASN C 182 -7.96 -22.06 25.24
CA ASN C 182 -7.97 -21.58 26.65
C ASN C 182 -7.56 -22.61 27.72
N LYS D 15 -27.58 -23.56 -13.16
CA LYS D 15 -26.29 -24.27 -13.40
C LYS D 15 -25.17 -23.43 -12.69
N ILE D 16 -24.14 -22.91 -13.39
CA ILE D 16 -23.21 -21.88 -12.83
C ILE D 16 -23.65 -20.50 -13.22
N ASN D 17 -23.98 -19.68 -12.24
CA ASN D 17 -24.22 -18.24 -12.45
C ASN D 17 -22.87 -17.44 -12.58
N GLY D 18 -22.59 -17.00 -13.80
CA GLY D 18 -21.39 -16.20 -14.19
C GLY D 18 -21.18 -14.98 -13.27
N PHE D 19 -22.23 -14.21 -13.07
CA PHE D 19 -22.19 -12.99 -12.25
C PHE D 19 -21.92 -13.35 -10.79
N GLU D 20 -22.46 -14.48 -10.37
CA GLU D 20 -22.29 -14.96 -9.04
C GLU D 20 -20.84 -15.35 -8.81
N VAL D 21 -20.26 -16.03 -9.77
CA VAL D 21 -18.82 -16.34 -9.69
C VAL D 21 -17.98 -15.07 -9.71
N LEU D 22 -18.32 -14.13 -10.58
CA LEU D 22 -17.58 -12.93 -10.68
C LEU D 22 -17.60 -12.20 -9.32
N GLY D 23 -18.74 -12.26 -8.64
CA GLY D 23 -18.91 -11.51 -7.37
C GLY D 23 -18.09 -12.15 -6.28
N GLU D 24 -18.03 -13.44 -6.33
CA GLU D 24 -17.16 -14.18 -5.42
C GLU D 24 -15.71 -13.86 -5.62
N VAL D 25 -15.25 -13.83 -6.88
CA VAL D 25 -13.85 -13.52 -7.13
C VAL D 25 -13.56 -12.09 -6.74
N ALA D 26 -14.47 -11.17 -7.05
CA ALA D 26 -14.30 -9.79 -6.66
C ALA D 26 -14.18 -9.64 -5.15
N TRP D 27 -14.99 -10.38 -4.42
CA TRP D 27 -14.91 -10.36 -2.95
C TRP D 27 -13.60 -10.87 -2.47
N LEU D 28 -13.14 -11.95 -3.08
CA LEU D 28 -11.86 -12.47 -2.73
C LEU D 28 -10.75 -11.52 -3.02
N TRP D 29 -10.77 -10.83 -4.17
CA TRP D 29 -9.74 -9.82 -4.46
C TRP D 29 -9.79 -8.77 -3.38
N ALA D 30 -10.99 -8.33 -3.04
CA ALA D 30 -11.19 -7.29 -2.02
C ALA D 30 -10.69 -7.73 -0.60
N SER D 31 -10.59 -9.02 -0.36
CA SER D 31 -10.02 -9.53 0.87
C SER D 31 -8.53 -9.81 0.76
N SER D 32 -7.88 -9.46 -0.35
CA SER D 32 -6.49 -9.74 -0.56
C SER D 32 -5.71 -8.45 -0.48
N PRO D 33 -4.58 -8.45 0.27
CA PRO D 33 -3.85 -7.21 0.49
C PRO D 33 -3.37 -6.47 -0.79
N LEU D 34 -2.92 -7.18 -1.81
CA LEU D 34 -2.53 -6.50 -3.06
C LEU D 34 -3.68 -6.37 -4.06
N HIS D 35 -4.44 -7.44 -4.26
CA HIS D 35 -5.50 -7.39 -5.29
C HIS D 35 -6.59 -6.35 -4.95
N ARG D 36 -6.78 -6.04 -3.66
CA ARG D 36 -7.80 -5.10 -3.31
C ARG D 36 -7.51 -3.74 -3.83
N LYS D 37 -6.25 -3.45 -4.15
CA LYS D 37 -5.91 -2.14 -4.68
C LYS D 37 -6.01 -2.07 -6.19
N TRP D 38 -6.24 -3.20 -6.86
CA TRP D 38 -6.22 -3.21 -8.30
C TRP D 38 -7.54 -2.66 -8.81
N PRO D 39 -7.56 -2.15 -10.04
CA PRO D 39 -8.74 -1.53 -10.60
C PRO D 39 -9.74 -2.51 -11.17
N LEU D 40 -10.98 -2.08 -11.21
CA LEU D 40 -12.03 -2.92 -11.74
C LEU D 40 -11.72 -3.34 -13.20
N SER D 41 -11.04 -2.47 -13.95
CA SER D 41 -10.62 -2.82 -15.33
C SER D 41 -9.81 -4.10 -15.35
N LEU D 42 -8.93 -4.28 -14.35
CA LEU D 42 -8.08 -5.46 -14.29
C LEU D 42 -8.85 -6.71 -13.87
N LEU D 43 -9.87 -6.54 -13.05
CA LEU D 43 -10.75 -7.66 -12.73
C LEU D 43 -11.42 -8.15 -14.00
N ALA D 44 -11.96 -7.26 -14.80
CA ALA D 44 -12.64 -7.68 -16.03
C ALA D 44 -11.64 -8.36 -16.95
N ILE D 45 -10.45 -7.81 -17.10
CA ILE D 45 -9.40 -8.35 -17.97
C ILE D 45 -8.94 -9.70 -17.51
N ASN D 46 -8.73 -9.89 -16.21
CA ASN D 46 -8.26 -11.13 -15.68
C ASN D 46 -9.32 -12.19 -15.46
N VAL D 47 -10.53 -11.78 -15.16
CA VAL D 47 -11.54 -12.77 -14.70
C VAL D 47 -12.59 -13.16 -15.74
N LEU D 48 -13.06 -12.21 -16.54
CA LEU D 48 -14.15 -12.59 -17.45
C LEU D 48 -13.75 -13.72 -18.43
N PRO D 49 -12.55 -13.63 -19.03
CA PRO D 49 -12.20 -14.68 -20.00
C PRO D 49 -12.00 -15.98 -19.29
N ALA D 50 -11.56 -15.90 -18.03
CA ALA D 50 -11.41 -17.16 -17.19
C ALA D 50 -12.72 -17.86 -16.94
N ILE D 51 -13.71 -17.09 -16.50
CA ILE D 51 -15.06 -17.65 -16.28
C ILE D 51 -15.69 -18.18 -17.59
N GLU D 52 -15.59 -17.42 -18.65
CA GLU D 52 -16.21 -17.76 -19.91
C GLU D 52 -15.61 -19.00 -20.55
N SER D 53 -14.30 -19.21 -20.37
CA SER D 53 -13.59 -20.38 -20.93
C SER D 53 -13.60 -21.57 -19.97
N ASN D 54 -14.07 -21.35 -18.74
CA ASN D 54 -13.94 -22.29 -17.64
C ASN D 54 -12.51 -22.61 -17.27
N GLN D 55 -11.56 -21.72 -17.50
CA GLN D 55 -10.22 -22.02 -17.15
C GLN D 55 -9.89 -21.41 -15.78
N TYR D 56 -10.61 -21.88 -14.77
CA TYR D 56 -10.41 -21.42 -13.38
C TYR D 56 -10.88 -22.46 -12.40
N VAL D 57 -10.41 -22.34 -11.17
CA VAL D 57 -10.87 -23.12 -10.06
C VAL D 57 -11.25 -22.15 -8.97
N LEU D 58 -12.46 -22.29 -8.44
CA LEU D 58 -12.86 -21.51 -7.28
C LEU D 58 -13.19 -22.45 -6.13
N LEU D 59 -12.44 -22.40 -5.04
CA LEU D 59 -12.73 -23.21 -3.86
C LEU D 59 -13.51 -22.41 -2.85
N LYS D 60 -14.47 -23.08 -2.20
CA LYS D 60 -15.39 -22.45 -1.22
C LYS D 60 -15.39 -23.22 0.11
N ARG D 61 -15.77 -22.56 1.19
CA ARG D 61 -16.06 -23.23 2.48
C ARG D 61 -17.25 -22.51 3.09
N ASP D 62 -18.29 -23.26 3.44
CA ASP D 62 -19.47 -22.72 4.10
C ASP D 62 -20.08 -21.62 3.26
N GLY D 63 -20.15 -21.88 1.95
CA GLY D 63 -20.71 -20.93 0.99
C GLY D 63 -19.96 -19.60 0.75
N PHE D 64 -18.73 -19.48 1.30
CA PHE D 64 -17.85 -18.37 1.01
C PHE D 64 -16.65 -18.87 0.22
N PRO D 65 -16.23 -18.09 -0.78
CA PRO D 65 -15.00 -18.42 -1.48
C PRO D 65 -13.83 -18.32 -0.55
N ILE D 66 -12.87 -19.20 -0.73
CA ILE D 66 -11.61 -19.07 -0.01
C ILE D 66 -10.35 -19.04 -0.91
N ALA D 67 -10.45 -19.52 -2.14
CA ALA D 67 -9.30 -19.52 -3.03
C ALA D 67 -9.72 -19.55 -4.50
N PHE D 68 -8.82 -19.07 -5.36
CA PHE D 68 -9.12 -18.96 -6.79
C PHE D 68 -7.84 -18.92 -7.60
N CYS D 69 -7.83 -19.65 -8.69
CA CYS D 69 -6.76 -19.49 -9.67
C CYS D 69 -7.36 -19.59 -11.05
N SER D 70 -6.66 -18.99 -12.01
CA SER D 70 -7.10 -19.01 -13.41
C SER D 70 -5.88 -19.17 -14.28
N TRP D 71 -6.10 -19.67 -15.50
CA TRP D 71 -4.99 -19.85 -16.46
C TRP D 71 -5.39 -19.51 -17.85
N ALA D 72 -4.43 -18.93 -18.56
CA ALA D 72 -4.55 -18.68 -19.99
C ALA D 72 -3.64 -19.64 -20.74
N ASN D 73 -4.14 -20.19 -21.85
CA ASN D 73 -3.42 -21.22 -22.66
C ASN D 73 -2.90 -20.48 -23.88
N LEU D 74 -1.65 -20.05 -23.79
CA LEU D 74 -1.12 -19.08 -24.74
C LEU D 74 -0.24 -19.71 -25.82
N ASN D 75 -0.14 -19.02 -26.95
CA ASN D 75 0.96 -19.32 -27.92
C ASN D 75 2.14 -18.43 -27.56
N LEU D 76 3.27 -18.62 -28.25
CA LEU D 76 4.50 -17.91 -27.86
C LEU D 76 4.35 -16.43 -28.03
N GLU D 77 3.67 -16.03 -29.09
CA GLU D 77 3.46 -14.64 -29.37
C GLU D 77 2.68 -13.95 -28.18
N ASN D 78 1.64 -14.59 -27.69
CA ASN D 78 0.82 -14.00 -26.60
C ASN D 78 1.49 -14.09 -25.24
N GLU D 79 2.31 -15.11 -25.05
CA GLU D 79 3.16 -15.21 -23.89
C GLU D 79 4.10 -14.04 -23.76
N ILE D 80 4.73 -13.69 -24.88
CA ILE D 80 5.60 -12.50 -24.87
C ILE D 80 4.84 -11.20 -24.70
N LYS D 81 3.71 -11.11 -25.34
CA LYS D 81 2.85 -9.96 -25.17
C LYS D 81 2.44 -9.80 -23.67
N TYR D 82 2.04 -10.89 -23.06
CA TYR D 82 1.66 -10.92 -21.61
C TYR D 82 2.82 -10.54 -20.70
N LEU D 83 3.98 -11.14 -20.90
CA LEU D 83 5.13 -10.82 -20.09
C LEU D 83 5.60 -9.40 -20.24
N ASP D 84 5.43 -8.82 -21.41
CA ASP D 84 5.77 -7.42 -21.62
C ASP D 84 4.75 -6.53 -21.00
N ASP D 85 3.51 -6.97 -20.91
CA ASP D 85 2.46 -6.17 -20.28
C ASP D 85 1.32 -7.08 -19.76
N VAL D 86 1.33 -7.30 -18.43
CA VAL D 86 0.47 -8.35 -17.81
C VAL D 86 -0.99 -8.03 -17.95
N ALA D 87 -1.35 -6.81 -18.35
CA ALA D 87 -2.77 -6.48 -18.57
C ALA D 87 -3.19 -6.48 -20.04
N SER D 88 -2.33 -7.01 -20.92
CA SER D 88 -2.55 -6.86 -22.37
C SER D 88 -3.31 -8.01 -23.03
N LEU D 89 -3.56 -9.12 -22.36
CA LEU D 89 -4.37 -10.21 -23.02
C LEU D 89 -5.81 -9.89 -23.24
N VAL D 90 -6.37 -10.36 -24.35
CA VAL D 90 -7.79 -10.23 -24.66
C VAL D 90 -8.32 -11.64 -24.69
N ALA D 91 -9.62 -11.77 -24.67
CA ALA D 91 -10.23 -13.06 -24.40
C ALA D 91 -9.72 -14.14 -25.35
N ASP D 92 -9.64 -13.81 -26.64
CA ASP D 92 -9.23 -14.84 -27.60
C ASP D 92 -7.86 -15.36 -27.33
N ASP D 93 -6.99 -14.56 -26.74
CA ASP D 93 -5.66 -15.05 -26.43
C ASP D 93 -5.65 -16.23 -25.45
N TRP D 94 -6.71 -16.35 -24.67
CA TRP D 94 -6.74 -17.35 -23.55
C TRP D 94 -6.82 -18.77 -24.01
N THR D 95 -7.25 -18.97 -25.27
CA THR D 95 -7.21 -20.29 -25.88
C THR D 95 -6.31 -20.30 -27.15
N SER D 96 -5.21 -19.59 -27.13
CA SER D 96 -4.42 -19.40 -28.36
C SER D 96 -3.29 -20.41 -28.50
N GLY D 97 -2.97 -21.20 -27.47
CA GLY D 97 -1.90 -22.15 -27.59
C GLY D 97 -1.82 -23.05 -26.39
N ASP D 98 -0.66 -23.68 -26.16
CA ASP D 98 -0.54 -24.70 -25.11
C ASP D 98 0.47 -24.29 -24.03
N ARG D 99 0.86 -23.02 -23.98
CA ARG D 99 1.79 -22.56 -22.98
C ARG D 99 0.92 -21.94 -21.88
N ARG D 100 0.77 -22.65 -20.75
CA ARG D 100 -0.20 -22.28 -19.77
C ARG D 100 0.38 -21.30 -18.74
N TRP D 101 -0.36 -20.23 -18.46
CA TRP D 101 0.04 -19.25 -17.45
C TRP D 101 -1.07 -19.01 -16.42
N PHE D 102 -0.71 -19.04 -15.15
CA PHE D 102 -1.65 -18.68 -14.10
C PHE D 102 -1.78 -17.18 -14.11
N ILE D 103 -2.98 -16.70 -14.40
CA ILE D 103 -3.22 -15.32 -14.49
C ILE D 103 -3.47 -14.74 -13.07
N ASP D 104 -4.20 -15.45 -12.23
CA ASP D 104 -4.35 -15.11 -10.83
C ASP D 104 -4.23 -16.40 -10.02
N TRP D 105 -3.71 -16.26 -8.81
CA TRP D 105 -3.67 -17.36 -7.86
C TRP D 105 -3.77 -16.73 -6.48
N ILE D 106 -4.93 -16.82 -5.84
CA ILE D 106 -5.09 -16.15 -4.55
C ILE D 106 -5.75 -17.05 -3.52
N ALA D 107 -5.33 -16.89 -2.28
CA ALA D 107 -5.88 -17.66 -1.15
C ALA D 107 -5.60 -16.87 0.08
N PRO D 108 -6.32 -15.76 0.25
CA PRO D 108 -5.88 -14.76 1.23
C PRO D 108 -6.13 -15.23 2.70
N PHE D 109 -6.86 -16.31 2.91
CA PHE D 109 -7.12 -16.78 4.26
C PHE D 109 -6.26 -17.98 4.61
N GLY D 110 -5.24 -18.30 3.82
CA GLY D 110 -4.34 -19.38 4.14
C GLY D 110 -4.66 -20.72 3.54
N ASP D 111 -5.49 -20.77 2.50
CA ASP D 111 -5.87 -22.07 1.86
C ASP D 111 -5.17 -22.44 0.58
N SER D 112 -3.96 -21.93 0.40
CA SER D 112 -3.24 -22.25 -0.80
C SER D 112 -2.97 -23.74 -1.04
N ALA D 113 -2.60 -24.47 0.02
CA ALA D 113 -2.32 -25.92 -0.11
C ALA D 113 -3.48 -26.68 -0.71
N ALA D 114 -4.70 -26.34 -0.31
CA ALA D 114 -5.87 -27.00 -0.87
C ALA D 114 -6.02 -26.67 -2.39
N LEU D 115 -5.70 -25.45 -2.77
CA LEU D 115 -5.72 -25.11 -4.19
C LEU D 115 -4.64 -25.88 -4.98
N TYR D 116 -3.44 -25.87 -4.43
CA TYR D 116 -2.32 -26.55 -5.01
C TYR D 116 -2.69 -28.03 -5.25
N LYS D 117 -3.26 -28.67 -4.24
CA LYS D 117 -3.61 -30.07 -4.34
C LYS D 117 -4.70 -30.32 -5.39
N HIS D 118 -5.70 -29.45 -5.41
CA HIS D 118 -6.72 -29.51 -6.43
C HIS D 118 -6.10 -29.46 -7.82
N MET D 119 -5.11 -28.60 -8.02
CA MET D 119 -4.48 -28.48 -9.36
C MET D 119 -3.59 -29.68 -9.67
N ARG D 120 -2.79 -30.06 -8.69
CA ARG D 120 -1.99 -31.29 -8.80
C ARG D 120 -2.80 -32.51 -9.21
N ASP D 121 -3.95 -32.73 -8.58
CA ASP D 121 -4.73 -33.93 -8.85
C ASP D 121 -5.61 -33.81 -10.06
N ASN D 122 -6.16 -32.62 -10.33
CA ASN D 122 -7.03 -32.53 -11.47
C ASN D 122 -6.36 -32.18 -12.76
N PHE D 123 -5.07 -31.82 -12.73
CA PHE D 123 -4.36 -31.53 -13.99
C PHE D 123 -3.04 -32.29 -13.96
N PRO D 124 -3.13 -33.63 -13.74
CA PRO D 124 -1.96 -34.44 -13.31
C PRO D 124 -0.78 -34.45 -14.28
N ASN D 125 -1.05 -34.27 -15.56
CA ASN D 125 0.01 -34.18 -16.56
C ASN D 125 0.20 -32.80 -17.17
N GLU D 126 -0.28 -31.74 -16.52
CA GLU D 126 -0.14 -30.40 -17.12
C GLU D 126 0.97 -29.61 -16.48
N LEU D 127 1.43 -28.63 -17.24
CA LEU D 127 2.47 -27.73 -16.80
C LEU D 127 1.97 -26.28 -16.90
N PHE D 128 2.32 -25.45 -15.93
CA PHE D 128 1.88 -24.08 -15.88
C PHE D 128 3.04 -23.23 -15.39
N ARG D 129 3.08 -21.96 -15.80
CA ARG D 129 4.08 -21.03 -15.28
C ARG D 129 3.35 -19.83 -14.69
N ALA D 130 4.06 -19.03 -13.90
CA ALA D 130 3.51 -17.79 -13.33
C ALA D 130 4.65 -16.80 -13.25
N ILE D 131 4.35 -15.53 -13.43
CA ILE D 131 5.39 -14.51 -13.31
C ILE D 131 5.17 -13.70 -12.07
N ARG D 132 6.22 -13.49 -11.28
CA ARG D 132 6.13 -12.56 -10.16
C ARG D 132 7.16 -11.47 -10.28
N VAL D 133 6.73 -10.24 -10.11
CA VAL D 133 7.64 -9.12 -10.23
C VAL D 133 7.95 -8.50 -8.89
N ASP D 134 9.23 -8.31 -8.59
CA ASP D 134 9.63 -7.53 -7.42
C ASP D 134 9.84 -6.09 -7.85
N PRO D 135 8.92 -5.17 -7.47
CA PRO D 135 9.10 -3.76 -7.94
C PRO D 135 10.29 -3.00 -7.33
N ASP D 136 10.89 -3.51 -6.25
CA ASP D 136 12.01 -2.84 -5.62
C ASP D 136 13.34 -3.15 -6.29
N SER D 137 13.38 -4.23 -7.06
CA SER D 137 14.52 -4.56 -7.88
C SER D 137 14.19 -4.46 -9.36
N ARG D 138 12.91 -4.42 -9.71
CA ARG D 138 12.47 -4.43 -11.08
C ARG D 138 12.85 -5.71 -11.81
N VAL D 139 12.86 -6.81 -11.08
CA VAL D 139 13.12 -8.14 -11.62
C VAL D 139 11.88 -9.01 -11.55
N GLY D 140 11.61 -9.71 -12.64
CA GLY D 140 10.52 -10.67 -12.71
C GLY D 140 11.10 -12.06 -12.64
N LYS D 141 10.39 -12.93 -11.94
CA LYS D 141 10.75 -14.31 -11.84
C LYS D 141 9.63 -15.19 -12.29
N ILE D 142 10.00 -16.25 -12.99
CA ILE D 142 9.07 -17.22 -13.50
C ILE D 142 9.06 -18.47 -12.66
N SER D 143 7.92 -18.84 -12.09
CA SER D 143 7.84 -20.09 -11.36
C SER D 143 7.14 -21.15 -12.23
N GLU D 144 7.45 -22.40 -11.94
CA GLU D 144 7.06 -23.55 -12.75
C GLU D 144 6.22 -24.46 -11.91
N PHE D 145 5.09 -24.92 -12.42
CA PHE D 145 4.23 -25.83 -11.65
C PHE D 145 3.80 -26.97 -12.54
N HIS D 146 3.75 -28.18 -11.97
CA HIS D 146 3.30 -29.32 -12.75
C HIS D 146 2.39 -30.23 -11.98
N GLY D 147 1.50 -30.89 -12.70
CA GLY D 147 0.59 -31.86 -12.12
C GLY D 147 1.26 -33.01 -11.39
N GLY D 148 0.46 -33.72 -10.59
CA GLY D 148 0.93 -34.74 -9.66
C GLY D 148 1.42 -36.03 -10.29
N LYS D 149 1.01 -36.36 -11.52
CA LYS D 149 1.47 -37.63 -12.11
C LYS D 149 2.57 -37.53 -13.14
N ILE D 150 3.01 -36.34 -13.52
CA ILE D 150 3.89 -36.25 -14.68
C ILE D 150 5.31 -36.35 -14.18
N ASP D 151 6.13 -36.99 -14.98
CA ASP D 151 7.44 -37.38 -14.52
C ASP D 151 8.28 -36.12 -14.36
N LYS D 152 8.99 -36.02 -13.25
CA LYS D 152 9.80 -34.88 -12.92
C LYS D 152 10.82 -34.56 -14.03
N LYS D 153 11.51 -35.58 -14.53
CA LYS D 153 12.53 -35.36 -15.57
C LYS D 153 11.91 -34.84 -16.84
N LEU D 154 10.77 -35.40 -17.21
CA LEU D 154 10.09 -34.94 -18.43
C LEU D 154 9.62 -33.48 -18.24
N ALA D 155 9.09 -33.16 -17.06
CA ALA D 155 8.57 -31.84 -16.81
C ALA D 155 9.71 -30.83 -16.96
N SER D 156 10.81 -31.14 -16.31
CA SER D 156 12.02 -30.29 -16.38
C SER D 156 12.49 -30.03 -17.79
N LYS D 157 12.45 -31.05 -18.62
CA LYS D 157 12.81 -30.86 -20.01
C LYS D 157 11.83 -30.00 -20.79
N ILE D 158 10.53 -30.18 -20.59
CA ILE D 158 9.55 -29.34 -21.28
C ILE D 158 9.69 -27.85 -20.84
N PHE D 159 9.91 -27.64 -19.56
CA PHE D 159 10.16 -26.30 -19.04
C PHE D 159 11.41 -25.70 -19.62
N GLN D 160 12.48 -26.48 -19.74
CA GLN D 160 13.73 -25.93 -20.29
C GLN D 160 13.52 -25.51 -21.74
N GLN D 161 12.77 -26.30 -22.47
N GLN D 161 12.75 -26.28 -22.48
CA GLN D 161 12.50 -25.95 -23.85
CA GLN D 161 12.46 -25.96 -23.88
C GLN D 161 11.65 -24.67 -23.93
C GLN D 161 11.50 -24.77 -24.05
N TYR D 162 10.62 -24.58 -23.07
CA TYR D 162 9.75 -23.38 -23.03
C TYR D 162 10.65 -22.17 -22.85
N HIS D 163 11.52 -22.26 -21.86
CA HIS D 163 12.37 -21.17 -21.49
C HIS D 163 13.30 -20.78 -22.61
N PHE D 164 13.88 -21.78 -23.26
CA PHE D 164 14.81 -21.49 -24.33
C PHE D 164 14.07 -20.81 -25.47
N GLU D 165 12.87 -21.28 -25.79
CA GLU D 165 12.08 -20.68 -26.84
C GLU D 165 11.72 -19.23 -26.52
N LEU D 166 11.41 -18.98 -25.25
CA LEU D 166 11.02 -17.63 -24.83
C LEU D 166 12.22 -16.68 -24.89
N MET D 167 13.32 -17.09 -24.28
CA MET D 167 14.52 -16.26 -24.26
C MET D 167 14.96 -15.90 -25.66
N SER D 168 14.93 -16.85 -26.58
CA SER D 168 15.41 -16.59 -27.94
C SER D 168 14.54 -15.59 -28.64
N GLU D 169 13.25 -15.75 -28.47
CA GLU D 169 12.35 -14.89 -29.19
C GLU D 169 12.34 -13.48 -28.56
N LEU D 170 12.52 -13.41 -27.26
CA LEU D 170 12.66 -12.09 -26.64
C LEU D 170 13.85 -11.31 -27.17
N LYS D 171 15.00 -11.96 -27.17
CA LYS D 171 16.20 -11.36 -27.62
C LYS D 171 16.05 -10.91 -29.02
N ASN D 172 15.46 -11.75 -29.87
CA ASN D 172 15.23 -11.31 -31.24
C ASN D 172 14.38 -10.04 -31.33
N LYS D 173 13.28 -10.05 -30.61
CA LYS D 173 12.41 -8.86 -30.59
C LYS D 173 13.10 -7.65 -29.97
N GLN D 174 14.02 -7.93 -29.06
CA GLN D 174 14.70 -6.90 -28.33
C GLN D 174 15.46 -5.98 -29.28
N ASN D 175 15.99 -6.54 -30.37
CA ASN D 175 16.74 -5.79 -31.36
C ASN D 175 15.95 -4.71 -32.07
N PHE D 176 14.63 -4.84 -32.13
CA PHE D 176 13.80 -3.92 -32.90
C PHE D 176 13.05 -2.90 -32.04
N LYS D 177 13.31 -2.89 -30.75
CA LYS D 177 12.63 -1.92 -29.87
C LYS D 177 13.13 -0.50 -29.99
N PHE D 178 12.23 0.44 -29.70
CA PHE D 178 12.55 1.86 -29.74
C PHE D 178 11.72 2.67 -28.78
N SER D 179 12.19 3.86 -28.50
CA SER D 179 11.51 4.78 -27.58
C SER D 179 10.92 6.00 -28.27
N LEU D 180 9.95 6.63 -27.61
CA LEU D 180 9.35 7.87 -28.14
C LEU D 180 10.00 9.12 -27.55
N VAL D 181 10.10 10.19 -28.36
CA VAL D 181 11.00 11.35 -28.06
C VAL D 181 10.83 11.97 -26.65
N ASN D 182 9.60 11.92 -26.13
CA ASN D 182 9.33 12.18 -24.72
C ASN D 182 9.55 10.91 -23.87
#